data_2J4Y
#
_entry.id   2J4Y
#
_cell.length_a   109.300
_cell.length_b   109.300
_cell.length_c   77.700
_cell.angle_alpha   90.00
_cell.angle_beta   90.00
_cell.angle_gamma   120.00
#
_symmetry.space_group_name_H-M   'P 31'
#
loop_
_entity.id
_entity.type
_entity.pdbx_description
1 polymer RHODOPSIN
2 non-polymer RETINAL
3 non-polymer 2-acetamido-2-deoxy-beta-D-glucopyranose
#
_entity_poly.entity_id   1
_entity_poly.type   'polypeptide(L)'
_entity_poly.pdbx_seq_one_letter_code
;(ACE)MCGTEGPNFYVPFSNKTGVVRSPFEAPQYYLAEPWQFSMLAAYMFLLIMLGFPINFLTLYVTVQHKKLRTPLNYI
LLNLAVADLFMVFGGFTTTLYTSLHGYFVFGPTGCNLEGFFATLGGEIALWSLVVLAIERYVVVCKPMSNFRFGENHAIM
GVAFTWVMALACAAPPLVGWSRYIPEGMQCSCGIDYYTPHEETNNESFVIYMFVVHFIIPLIVIFFCYGQLVFTVKEAAA
QQQESATTQKAEKEVTRMVIIMVIAFLICWLPYAGVAFYIFTHQGSCFGPIFMTIPAFFAKTSAVYNPVIYIMMNKQFRN
CMVTTLCCGKNPLGDDEASTTVSKTETSQVAPA
;
_entity_poly.pdbx_strand_id   A,B
#
# COMPACT_ATOMS: atom_id res chain seq x y z
N MET A 2 -2.00 -38.14 -2.63
CA MET A 2 -2.46 -36.77 -2.38
C MET A 2 -1.29 -35.81 -2.09
N CYS A 3 -1.60 -34.55 -1.79
CA CYS A 3 -0.58 -33.51 -1.48
C CYS A 3 -0.11 -33.57 -0.03
N GLY A 4 -1.03 -33.28 0.88
CA GLY A 4 -0.73 -33.33 2.31
C GLY A 4 -1.48 -34.48 2.93
N THR A 5 -1.33 -34.72 4.23
CA THR A 5 -2.02 -35.82 4.92
C THR A 5 -2.89 -35.33 6.11
N GLU A 6 -4.08 -34.80 5.81
CA GLU A 6 -4.98 -34.26 6.84
C GLU A 6 -5.33 -35.20 8.00
N GLY A 7 -5.46 -34.62 9.20
CA GLY A 7 -5.80 -35.41 10.36
C GLY A 7 -6.88 -34.78 11.22
N PRO A 8 -7.00 -35.19 12.49
CA PRO A 8 -8.06 -34.56 13.28
C PRO A 8 -7.72 -33.10 13.61
N ASN A 9 -6.46 -32.83 13.93
CA ASN A 9 -6.03 -31.47 14.29
C ASN A 9 -4.69 -31.00 13.70
N PHE A 10 -4.33 -31.49 12.52
CA PHE A 10 -3.06 -31.13 11.92
C PHE A 10 -3.13 -31.13 10.40
N TYR A 11 -2.10 -30.60 9.75
CA TYR A 11 -2.02 -30.63 8.30
C TYR A 11 -0.54 -30.54 7.92
N VAL A 12 -0.14 -31.30 6.91
CA VAL A 12 1.27 -31.39 6.53
C VAL A 12 1.52 -31.49 5.02
N PRO A 13 2.58 -30.82 4.51
CA PRO A 13 2.90 -30.86 3.08
C PRO A 13 3.72 -32.07 2.61
N PHE A 14 3.27 -33.26 3.00
CA PHE A 14 3.96 -34.48 2.64
C PHE A 14 2.99 -35.66 2.40
N SER A 15 2.98 -36.20 1.19
CA SER A 15 2.08 -37.30 0.82
C SER A 15 2.07 -38.63 1.63
N ASN A 16 0.92 -39.09 2.20
CA ASN A 16 0.87 -40.40 2.93
C ASN A 16 0.67 -41.40 1.78
N LYS A 17 1.31 -41.20 0.63
CA LYS A 17 1.19 -42.12 -0.52
C LYS A 17 2.20 -43.24 -0.37
N THR A 18 2.95 -43.15 0.73
CA THR A 18 3.98 -44.13 1.08
C THR A 18 3.61 -44.61 2.49
N GLY A 19 2.63 -43.93 3.07
CA GLY A 19 2.15 -44.25 4.41
C GLY A 19 3.12 -43.92 5.53
N VAL A 20 4.03 -42.99 5.27
CA VAL A 20 5.04 -42.59 6.25
C VAL A 20 4.54 -41.59 7.31
N VAL A 21 3.77 -40.60 6.86
CA VAL A 21 3.24 -39.53 7.72
C VAL A 21 2.72 -39.88 9.12
N ARG A 22 3.26 -39.20 10.13
CA ARG A 22 2.85 -39.38 11.54
C ARG A 22 2.24 -38.03 11.99
N SER A 23 1.23 -38.05 12.86
CA SER A 23 0.64 -36.79 13.32
C SER A 23 1.61 -35.95 14.16
N PRO A 24 1.68 -34.62 13.95
CA PRO A 24 2.59 -33.75 14.71
C PRO A 24 2.22 -33.54 16.16
N PHE A 25 1.84 -34.62 16.84
CA PHE A 25 1.47 -34.61 18.24
C PHE A 25 1.63 -36.01 18.86
N GLU A 26 2.16 -36.94 18.07
CA GLU A 26 2.41 -38.33 18.50
C GLU A 26 3.88 -38.78 18.34
N ALA A 27 4.47 -38.58 17.14
CA ALA A 27 5.87 -38.96 16.83
C ALA A 27 6.60 -37.97 15.88
N PRO A 28 7.95 -37.98 15.88
CA PRO A 28 8.81 -37.12 15.06
C PRO A 28 8.37 -36.92 13.63
N GLN A 29 8.63 -35.73 13.10
CA GLN A 29 8.30 -35.39 11.72
C GLN A 29 9.59 -35.35 10.90
N TYR A 30 10.54 -36.25 11.22
CA TYR A 30 11.83 -36.30 10.54
C TYR A 30 11.68 -36.66 9.07
N TYR A 31 10.52 -37.18 8.70
CA TYR A 31 10.26 -37.57 7.32
C TYR A 31 9.86 -36.39 6.40
N LEU A 32 10.09 -35.15 6.84
CA LEU A 32 9.72 -33.96 6.04
C LEU A 32 10.94 -33.26 5.48
N ALA A 33 11.97 -33.16 6.31
CA ALA A 33 13.25 -32.53 5.97
C ALA A 33 14.34 -33.43 6.54
N GLU A 34 15.60 -33.05 6.38
CA GLU A 34 16.70 -33.87 6.93
C GLU A 34 16.97 -33.55 8.39
N PRO A 35 17.20 -34.57 9.21
CA PRO A 35 17.45 -34.39 10.63
C PRO A 35 18.56 -33.43 11.00
N TRP A 36 19.29 -32.92 10.02
CA TRP A 36 20.36 -31.95 10.30
C TRP A 36 19.73 -30.55 10.33
N GLN A 37 18.55 -30.45 9.71
CA GLN A 37 17.84 -29.19 9.65
C GLN A 37 17.00 -28.96 10.89
N PHE A 38 16.32 -30.01 11.35
CA PHE A 38 15.47 -29.86 12.53
C PHE A 38 16.27 -29.31 13.69
N SER A 39 17.58 -29.54 13.65
CA SER A 39 18.44 -29.02 14.71
C SER A 39 18.74 -27.54 14.43
N MET A 40 18.85 -27.19 13.14
CA MET A 40 19.13 -25.82 12.67
C MET A 40 18.10 -24.83 13.22
N LEU A 41 16.85 -25.28 13.27
CA LEU A 41 15.77 -24.45 13.78
C LEU A 41 16.02 -24.26 15.26
N ALA A 42 16.29 -25.37 15.95
CA ALA A 42 16.57 -25.33 17.38
C ALA A 42 17.67 -24.35 17.69
N ALA A 43 18.73 -24.33 16.88
CA ALA A 43 19.88 -23.43 17.06
C ALA A 43 19.55 -21.95 16.83
N TYR A 44 18.75 -21.70 15.80
CA TYR A 44 18.29 -20.35 15.44
C TYR A 44 17.34 -19.87 16.56
N MET A 45 16.41 -20.73 16.94
CA MET A 45 15.43 -20.45 18.00
C MET A 45 16.14 -20.35 19.35
N PHE A 46 17.35 -20.89 19.41
CA PHE A 46 18.13 -20.83 20.64
C PHE A 46 18.90 -19.53 20.65
N LEU A 47 19.23 -19.03 19.48
CA LEU A 47 19.94 -17.76 19.44
C LEU A 47 18.99 -16.64 19.84
N LEU A 48 17.79 -16.58 19.23
CA LEU A 48 16.82 -15.52 19.53
C LEU A 48 16.33 -15.52 20.97
N ILE A 49 16.51 -16.64 21.65
CA ILE A 49 16.12 -16.77 23.05
C ILE A 49 17.25 -16.16 23.89
N MET A 50 18.50 -16.40 23.52
CA MET A 50 19.65 -15.87 24.26
C MET A 50 20.05 -14.50 23.75
N LEU A 51 19.15 -13.84 23.04
CA LEU A 51 19.39 -12.49 22.50
C LEU A 51 18.19 -11.58 22.84
N GLY A 52 16.97 -12.13 22.74
CA GLY A 52 15.79 -11.33 23.04
C GLY A 52 15.51 -11.13 24.52
N PHE A 53 16.02 -12.03 25.34
CA PHE A 53 15.83 -11.96 26.78
C PHE A 53 16.42 -10.72 27.47
N PRO A 54 17.68 -10.34 27.15
CA PRO A 54 18.31 -9.18 27.77
C PRO A 54 18.05 -7.85 27.08
N ILE A 55 18.09 -7.81 25.75
CA ILE A 55 17.87 -6.54 25.07
C ILE A 55 16.40 -6.08 25.11
N ASN A 56 15.56 -6.82 25.83
CA ASN A 56 14.15 -6.48 26.00
C ASN A 56 13.85 -6.38 27.52
N PHE A 57 14.62 -7.11 28.31
CA PHE A 57 14.48 -7.06 29.75
C PHE A 57 15.19 -5.75 30.15
N LEU A 58 16.28 -5.43 29.44
CA LEU A 58 17.09 -4.23 29.68
C LEU A 58 16.34 -2.96 29.28
N THR A 59 15.57 -3.03 28.20
CA THR A 59 14.81 -1.86 27.78
C THR A 59 13.60 -1.82 28.72
N LEU A 60 13.18 -2.99 29.21
CA LEU A 60 12.04 -3.06 30.12
C LEU A 60 12.53 -2.73 31.52
N TYR A 61 13.71 -2.12 31.60
CA TYR A 61 14.29 -1.80 32.89
C TYR A 61 15.05 -0.47 32.84
N VAL A 62 15.55 -0.07 31.67
CA VAL A 62 16.23 1.22 31.57
C VAL A 62 15.14 2.30 31.65
N THR A 63 13.87 1.89 31.55
CA THR A 63 12.73 2.83 31.62
C THR A 63 12.10 2.87 33.01
N VAL A 64 11.86 1.70 33.58
CA VAL A 64 11.26 1.62 34.90
C VAL A 64 12.07 2.37 35.95
N GLN A 65 13.38 2.49 35.74
CA GLN A 65 14.27 3.19 36.68
C GLN A 65 14.35 4.71 36.44
N HIS A 66 14.86 5.11 35.27
CA HIS A 66 14.98 6.54 34.92
C HIS A 66 13.67 7.30 35.03
N LYS A 67 13.77 8.61 35.20
CA LYS A 67 12.58 9.40 35.35
C LYS A 67 12.23 10.19 34.10
N LYS A 68 13.21 10.89 33.56
CA LYS A 68 12.97 11.69 32.38
C LYS A 68 12.48 10.88 31.17
N LEU A 69 12.40 9.55 31.31
CA LEU A 69 11.94 8.70 30.19
C LEU A 69 10.45 8.37 30.35
N ARG A 70 9.60 9.37 30.14
CA ARG A 70 8.17 9.20 30.26
C ARG A 70 7.35 9.99 29.26
N THR A 71 7.47 9.66 27.97
CA THR A 71 6.71 10.34 26.92
C THR A 71 6.08 9.23 26.12
N PRO A 72 5.13 9.57 25.22
CA PRO A 72 4.43 8.60 24.36
C PRO A 72 5.28 7.52 23.65
N LEU A 73 6.53 7.86 23.29
CA LEU A 73 7.45 6.94 22.61
C LEU A 73 8.13 5.95 23.57
N ASN A 74 8.55 6.44 24.74
CA ASN A 74 9.21 5.59 25.73
C ASN A 74 8.22 4.54 26.26
N TYR A 75 6.93 4.81 26.06
CA TYR A 75 5.80 3.96 26.46
C TYR A 75 5.57 2.81 25.48
N ILE A 76 5.37 3.14 24.21
CA ILE A 76 5.17 2.11 23.19
C ILE A 76 6.38 1.18 23.06
N LEU A 77 7.59 1.70 23.27
CA LEU A 77 8.84 0.89 23.17
C LEU A 77 9.25 0.20 24.47
N LEU A 78 8.42 0.38 25.49
CA LEU A 78 8.60 -0.23 26.81
C LEU A 78 7.40 -1.16 26.98
N ASN A 79 6.56 -1.19 25.94
CA ASN A 79 5.38 -2.02 25.87
C ASN A 79 5.76 -3.20 24.98
N LEU A 80 6.66 -2.93 24.03
CA LEU A 80 7.20 -3.96 23.13
C LEU A 80 8.21 -4.68 24.00
N ALA A 81 8.72 -3.96 24.99
CA ALA A 81 9.67 -4.55 25.94
C ALA A 81 8.98 -5.68 26.69
N VAL A 82 7.65 -5.68 26.68
CA VAL A 82 6.90 -6.71 27.39
C VAL A 82 6.28 -7.74 26.44
N ALA A 83 5.59 -7.27 25.42
CA ALA A 83 4.96 -8.17 24.47
C ALA A 83 5.96 -9.19 23.94
N ASP A 84 7.20 -8.72 23.80
CA ASP A 84 8.27 -9.53 23.27
C ASP A 84 8.77 -10.60 24.23
N LEU A 85 8.94 -10.26 25.52
CA LEU A 85 9.38 -11.25 26.47
C LEU A 85 8.31 -12.35 26.60
N PHE A 86 7.07 -12.00 26.28
CA PHE A 86 5.95 -12.97 26.31
C PHE A 86 6.11 -13.90 25.12
N MET A 87 6.85 -13.42 24.13
CA MET A 87 7.12 -14.20 22.94
C MET A 87 8.17 -15.21 23.34
N VAL A 88 9.26 -14.75 23.96
CA VAL A 88 10.35 -15.63 24.37
C VAL A 88 10.01 -16.82 25.32
N PHE A 89 9.67 -16.54 26.58
CA PHE A 89 9.36 -17.62 27.53
C PHE A 89 8.00 -18.25 27.32
N GLY A 90 7.09 -17.48 26.76
CA GLY A 90 5.76 -17.97 26.50
C GLY A 90 5.73 -18.76 25.22
N GLY A 91 6.41 -18.26 24.19
CA GLY A 91 6.40 -18.96 22.92
C GLY A 91 7.66 -19.69 22.51
N PHE A 92 8.78 -18.97 22.44
CA PHE A 92 10.07 -19.53 22.03
C PHE A 92 10.60 -20.66 22.89
N THR A 93 10.43 -20.58 24.20
CA THR A 93 10.88 -21.70 25.02
C THR A 93 10.10 -22.91 24.53
N THR A 94 8.80 -22.76 24.36
CA THR A 94 7.93 -23.84 23.93
C THR A 94 8.03 -24.14 22.44
N THR A 95 8.95 -23.49 21.74
CA THR A 95 9.12 -23.73 20.30
C THR A 95 10.52 -24.25 19.90
N LEU A 96 11.53 -23.90 20.69
CA LEU A 96 12.89 -24.35 20.45
C LEU A 96 12.83 -25.78 20.84
N TYR A 97 12.39 -25.98 22.07
CA TYR A 97 12.24 -27.30 22.70
C TYR A 97 11.58 -28.31 21.77
N THR A 98 10.72 -27.80 20.90
CA THR A 98 9.98 -28.61 19.93
C THR A 98 10.86 -29.21 18.81
N SER A 99 11.62 -28.35 18.13
CA SER A 99 12.50 -28.75 17.03
C SER A 99 13.55 -29.81 17.41
N LEU A 100 14.07 -29.70 18.64
CA LEU A 100 15.04 -30.65 19.17
C LEU A 100 14.39 -32.03 19.15
N HIS A 101 13.06 -32.06 19.21
CA HIS A 101 12.33 -33.32 19.20
C HIS A 101 11.74 -33.61 17.83
N GLY A 102 11.90 -32.71 16.87
CA GLY A 102 11.36 -32.92 15.53
C GLY A 102 9.85 -33.00 15.38
N TYR A 103 9.13 -32.67 16.46
CA TYR A 103 7.66 -32.69 16.48
C TYR A 103 7.22 -32.26 17.89
N PHE A 104 6.04 -31.65 18.00
CA PHE A 104 5.47 -31.18 19.28
C PHE A 104 5.35 -32.33 20.29
N VAL A 105 5.56 -32.05 21.58
CA VAL A 105 5.46 -33.11 22.56
C VAL A 105 4.41 -32.83 23.61
N PHE A 106 4.41 -31.60 24.11
CA PHE A 106 3.48 -31.15 25.15
C PHE A 106 1.99 -31.41 24.88
N GLY A 107 1.67 -31.92 23.68
CA GLY A 107 0.30 -32.19 23.27
C GLY A 107 -0.20 -30.93 22.61
N PRO A 108 -1.26 -30.97 21.80
CA PRO A 108 -1.67 -29.69 21.21
C PRO A 108 -1.76 -28.61 22.28
N THR A 109 -1.79 -29.04 23.54
CA THR A 109 -1.85 -28.14 24.71
C THR A 109 -0.60 -27.29 24.84
N GLY A 110 0.16 -27.21 23.74
CA GLY A 110 1.37 -26.42 23.68
C GLY A 110 1.34 -25.59 22.41
N CYS A 111 0.85 -26.18 21.33
CA CYS A 111 0.75 -25.44 20.07
C CYS A 111 -0.28 -24.32 20.23
N ASN A 112 -0.55 -23.95 21.47
CA ASN A 112 -1.48 -22.88 21.78
C ASN A 112 -0.64 -21.74 22.30
N LEU A 113 0.40 -22.08 23.05
CA LEU A 113 1.31 -21.08 23.62
C LEU A 113 2.23 -20.57 22.49
N GLU A 114 2.61 -21.46 21.59
CA GLU A 114 3.49 -21.16 20.45
C GLU A 114 2.77 -20.22 19.51
N GLY A 115 1.67 -20.73 18.96
CA GLY A 115 0.83 -20.01 18.02
C GLY A 115 0.08 -18.83 18.60
N PHE A 116 -0.08 -18.82 19.92
CA PHE A 116 -0.76 -17.73 20.58
C PHE A 116 0.25 -16.59 20.85
N PHE A 117 1.33 -16.93 21.56
CA PHE A 117 2.37 -15.95 21.90
C PHE A 117 3.22 -15.41 20.75
N ALA A 118 2.79 -15.68 19.51
CA ALA A 118 3.50 -15.23 18.32
C ALA A 118 2.52 -14.29 17.65
N THR A 119 1.28 -14.75 17.56
CA THR A 119 0.23 -13.96 16.97
C THR A 119 0.07 -12.76 17.84
N LEU A 120 0.12 -12.99 19.15
CA LEU A 120 -0.02 -11.93 20.13
C LEU A 120 1.08 -10.86 20.05
N GLY A 121 2.33 -11.31 20.09
CA GLY A 121 3.47 -10.39 20.02
C GLY A 121 3.53 -9.63 18.72
N GLY A 122 2.92 -10.23 17.68
CA GLY A 122 2.84 -9.63 16.36
C GLY A 122 1.76 -8.55 16.32
N GLU A 123 0.59 -8.84 16.89
CA GLU A 123 -0.52 -7.88 16.94
C GLU A 123 -0.26 -6.68 17.85
N ILE A 124 0.48 -6.88 18.94
CA ILE A 124 0.81 -5.78 19.88
C ILE A 124 1.89 -4.92 19.25
N ALA A 125 2.41 -5.37 18.11
CA ALA A 125 3.46 -4.67 17.39
C ALA A 125 2.93 -3.99 16.12
N LEU A 126 1.80 -4.47 15.59
CA LEU A 126 1.20 -3.84 14.41
C LEU A 126 0.33 -2.68 14.93
N TRP A 127 -0.46 -2.93 15.97
CA TRP A 127 -1.32 -1.89 16.55
C TRP A 127 -0.56 -0.79 17.30
N SER A 128 0.52 -1.16 18.00
CA SER A 128 1.34 -0.17 18.70
C SER A 128 1.97 0.79 17.67
N LEU A 129 1.91 0.43 16.39
CA LEU A 129 2.43 1.27 15.32
C LEU A 129 1.38 2.28 14.82
N VAL A 130 0.11 1.96 15.03
CA VAL A 130 -1.00 2.83 14.64
C VAL A 130 -1.06 3.95 15.68
N VAL A 131 -0.86 3.56 16.94
CA VAL A 131 -0.89 4.50 18.04
C VAL A 131 0.35 5.35 17.96
N LEU A 132 1.32 4.93 17.16
CA LEU A 132 2.58 5.69 17.01
C LEU A 132 2.51 6.62 15.83
N ALA A 133 1.72 6.23 14.82
CA ALA A 133 1.55 7.02 13.60
C ALA A 133 0.62 8.16 13.94
N ILE A 134 -0.49 7.77 14.54
CA ILE A 134 -1.49 8.71 14.97
C ILE A 134 -0.74 9.72 15.85
N GLU A 135 0.21 9.25 16.64
CA GLU A 135 0.96 10.18 17.50
C GLU A 135 1.87 11.07 16.65
N ARG A 136 2.51 10.50 15.63
CA ARG A 136 3.40 11.30 14.80
C ARG A 136 2.57 12.25 13.99
N TYR A 137 1.34 11.84 13.72
CA TYR A 137 0.41 12.64 12.95
C TYR A 137 -0.11 13.84 13.76
N VAL A 138 -0.39 13.63 15.04
CA VAL A 138 -0.89 14.71 15.88
C VAL A 138 0.27 15.51 16.44
N VAL A 139 1.46 15.28 15.91
CA VAL A 139 2.63 16.04 16.35
C VAL A 139 3.38 16.64 15.17
N VAL A 140 3.45 15.91 14.04
CA VAL A 140 4.11 16.41 12.83
C VAL A 140 3.26 17.49 12.16
N CYS A 141 2.02 17.17 11.75
CA CYS A 141 1.15 18.19 11.14
C CYS A 141 -0.03 18.45 12.08
N LYS A 142 0.29 18.86 13.29
CA LYS A 142 -0.68 19.10 14.36
C LYS A 142 -1.99 19.68 13.88
N PRO A 143 -3.12 19.09 14.33
CA PRO A 143 -4.45 19.59 13.96
C PRO A 143 -4.89 20.83 14.79
N MET A 144 -5.89 20.70 15.66
CA MET A 144 -6.45 21.83 16.43
C MET A 144 -5.96 22.10 17.86
N SER A 145 -6.86 22.63 18.70
CA SER A 145 -6.61 23.02 20.11
C SER A 145 -5.62 22.12 20.84
N ASN A 146 -5.00 22.65 21.90
CA ASN A 146 -3.99 21.94 22.65
C ASN A 146 -4.37 20.97 23.74
N PHE A 147 -4.93 19.83 23.33
CA PHE A 147 -5.32 18.75 24.23
C PHE A 147 -4.06 17.90 24.33
N ARG A 148 -2.93 18.53 24.03
CA ARG A 148 -1.62 17.89 24.05
C ARG A 148 -1.59 16.56 24.79
N PHE A 149 -1.01 15.55 24.13
CA PHE A 149 -0.82 14.21 24.70
C PHE A 149 -0.35 14.29 26.13
N GLY A 150 -1.08 13.67 27.04
CA GLY A 150 -0.65 13.67 28.42
C GLY A 150 -0.25 12.23 28.69
N GLU A 151 0.63 12.01 29.67
CA GLU A 151 1.02 10.64 29.97
C GLU A 151 -0.25 9.82 29.86
N ASN A 152 -1.37 10.47 30.13
CA ASN A 152 -2.70 9.87 30.09
C ASN A 152 -3.06 9.17 28.79
N HIS A 153 -3.30 9.92 27.73
CA HIS A 153 -3.66 9.32 26.45
C HIS A 153 -2.66 8.27 26.03
N ALA A 154 -1.45 8.32 26.61
CA ALA A 154 -0.40 7.34 26.32
C ALA A 154 -0.85 5.96 26.77
N ILE A 155 -1.36 5.86 28.01
CA ILE A 155 -1.85 4.60 28.51
C ILE A 155 -3.04 4.18 27.63
N MET A 156 -3.95 5.12 27.36
CA MET A 156 -5.15 4.90 26.54
C MET A 156 -4.84 4.16 25.24
N GLY A 157 -3.68 4.44 24.66
CA GLY A 157 -3.28 3.78 23.43
C GLY A 157 -2.49 2.52 23.71
N VAL A 158 -1.82 2.49 24.87
CA VAL A 158 -1.03 1.34 25.24
C VAL A 158 -1.96 0.24 25.71
N ALA A 159 -2.98 0.57 26.49
CA ALA A 159 -3.95 -0.43 26.94
C ALA A 159 -4.77 -0.81 25.72
N PHE A 160 -4.62 0.00 24.68
CA PHE A 160 -5.33 -0.19 23.42
C PHE A 160 -4.72 -1.33 22.59
N THR A 161 -3.41 -1.38 22.48
CA THR A 161 -2.79 -2.42 21.66
C THR A 161 -3.10 -3.82 22.16
N TRP A 162 -2.94 -4.05 23.46
CA TRP A 162 -3.22 -5.36 24.03
C TRP A 162 -4.64 -5.80 23.71
N VAL A 163 -5.60 -4.93 24.01
CA VAL A 163 -7.00 -5.22 23.74
C VAL A 163 -7.09 -5.68 22.28
N MET A 164 -6.95 -4.74 21.36
CA MET A 164 -6.99 -5.04 19.92
C MET A 164 -6.17 -6.27 19.52
N ALA A 165 -4.97 -6.39 20.08
CA ALA A 165 -4.11 -7.52 19.76
C ALA A 165 -4.69 -8.85 20.26
N LEU A 166 -5.61 -8.80 21.21
CA LEU A 166 -6.22 -10.02 21.72
C LEU A 166 -7.46 -10.39 20.89
N ALA A 167 -7.96 -9.45 20.09
CA ALA A 167 -9.12 -9.72 19.27
C ALA A 167 -8.76 -10.65 18.10
N CYS A 168 -7.46 -10.79 17.87
CA CYS A 168 -6.92 -11.61 16.79
C CYS A 168 -6.42 -12.95 17.33
N ALA A 169 -5.65 -12.88 18.42
CA ALA A 169 -5.06 -14.05 19.05
C ALA A 169 -5.95 -14.97 19.88
N ALA A 170 -6.72 -14.42 20.79
CA ALA A 170 -7.54 -15.24 21.64
C ALA A 170 -8.69 -15.95 20.94
N PRO A 171 -9.44 -15.26 20.05
CA PRO A 171 -10.55 -15.93 19.37
C PRO A 171 -10.25 -17.38 18.98
N PRO A 172 -9.16 -17.62 18.23
CA PRO A 172 -8.79 -18.98 17.81
C PRO A 172 -8.40 -19.92 18.93
N LEU A 173 -8.28 -19.36 20.13
CA LEU A 173 -7.90 -20.13 21.32
C LEU A 173 -9.13 -20.78 21.96
N VAL A 174 -10.31 -20.22 21.72
CA VAL A 174 -11.54 -20.75 22.29
C VAL A 174 -12.37 -21.53 21.27
N GLY A 175 -12.10 -21.31 19.99
CA GLY A 175 -12.88 -22.00 18.99
C GLY A 175 -13.27 -21.21 17.75
N TRP A 176 -12.71 -20.01 17.55
CA TRP A 176 -12.96 -19.21 16.34
C TRP A 176 -11.65 -19.26 15.55
N SER A 177 -11.48 -20.39 14.86
CA SER A 177 -10.30 -20.78 14.08
C SER A 177 -9.57 -21.80 15.01
N ARG A 178 -8.26 -21.68 15.16
CA ARG A 178 -7.53 -22.61 16.00
C ARG A 178 -6.06 -22.66 15.57
N TYR A 179 -5.17 -22.86 16.53
CA TYR A 179 -3.75 -22.94 16.23
C TYR A 179 -3.35 -24.37 15.84
N ILE A 180 -2.78 -24.51 14.64
CA ILE A 180 -2.36 -25.81 14.11
C ILE A 180 -0.92 -25.74 13.62
N PRO A 181 -0.23 -26.90 13.49
CA PRO A 181 1.15 -26.89 13.02
C PRO A 181 1.38 -26.44 11.57
N GLU A 182 2.35 -25.54 11.39
CA GLU A 182 2.75 -24.95 10.10
C GLU A 182 4.02 -25.62 9.51
N GLY A 183 4.25 -25.38 8.21
CA GLY A 183 5.41 -25.92 7.52
C GLY A 183 5.95 -27.20 8.10
N MET A 184 7.00 -27.10 8.91
CA MET A 184 7.66 -28.26 9.52
C MET A 184 7.06 -28.79 10.82
N GLN A 185 5.83 -28.39 11.16
CA GLN A 185 5.23 -28.86 12.39
C GLN A 185 6.13 -28.55 13.61
N CYS A 186 6.64 -27.32 13.67
CA CYS A 186 7.49 -26.86 14.76
C CYS A 186 7.23 -25.39 14.99
N SER A 187 6.22 -24.87 14.32
CA SER A 187 5.81 -23.47 14.43
C SER A 187 4.31 -23.46 14.16
N CYS A 188 3.50 -23.05 15.14
CA CYS A 188 2.05 -23.05 14.96
C CYS A 188 1.43 -21.68 14.70
N GLY A 189 0.49 -21.61 13.77
CA GLY A 189 -0.17 -20.35 13.46
C GLY A 189 -1.58 -20.63 13.04
N ILE A 190 -2.42 -19.60 12.97
CA ILE A 190 -3.83 -19.73 12.57
C ILE A 190 -3.99 -20.72 11.41
N ASP A 191 -5.01 -21.58 11.52
CA ASP A 191 -5.29 -22.62 10.52
C ASP A 191 -5.66 -22.10 9.11
N TYR A 192 -4.69 -21.53 8.39
CA TYR A 192 -4.92 -21.06 7.01
C TYR A 192 -4.91 -22.30 6.14
N TYR A 193 -4.79 -23.46 6.78
CA TYR A 193 -4.68 -24.75 6.09
C TYR A 193 -6.01 -25.47 5.79
N THR A 194 -6.66 -25.98 6.82
CA THR A 194 -7.90 -26.73 6.61
C THR A 194 -9.16 -25.89 6.44
N PRO A 195 -10.21 -26.47 5.80
CA PRO A 195 -11.49 -25.79 5.59
C PRO A 195 -12.45 -25.98 6.75
N HIS A 196 -12.15 -26.93 7.65
CA HIS A 196 -12.95 -27.23 8.85
C HIS A 196 -14.21 -26.36 8.97
N GLU A 197 -15.16 -26.78 9.79
CA GLU A 197 -16.36 -25.98 9.90
C GLU A 197 -16.83 -25.75 11.34
N GLU A 198 -16.29 -26.50 12.30
CA GLU A 198 -16.66 -26.40 13.71
C GLU A 198 -16.00 -25.20 14.41
N THR A 199 -15.44 -24.27 13.62
CA THR A 199 -14.80 -23.05 14.14
C THR A 199 -14.88 -21.93 13.09
N ASN A 200 -15.63 -22.21 12.02
CA ASN A 200 -15.85 -21.27 10.93
C ASN A 200 -14.53 -20.78 10.38
N ASN A 201 -13.52 -21.64 10.45
CA ASN A 201 -12.20 -21.31 9.97
C ASN A 201 -12.10 -20.23 8.91
N GLU A 202 -12.88 -20.30 7.85
CA GLU A 202 -12.76 -19.24 6.83
C GLU A 202 -13.26 -17.88 7.24
N SER A 203 -14.08 -17.82 8.28
CA SER A 203 -14.56 -16.51 8.69
C SER A 203 -13.47 -15.77 9.47
N PHE A 204 -13.13 -16.27 10.66
CA PHE A 204 -12.09 -15.71 11.55
C PHE A 204 -10.83 -15.32 10.80
N VAL A 205 -10.46 -16.14 9.83
CA VAL A 205 -9.27 -15.89 9.02
C VAL A 205 -9.35 -14.56 8.31
N ILE A 206 -10.40 -14.34 7.52
CA ILE A 206 -10.46 -13.08 6.85
C ILE A 206 -10.82 -11.96 7.82
N TYR A 207 -11.41 -12.32 8.96
CA TYR A 207 -11.70 -11.32 9.96
C TYR A 207 -10.31 -10.82 10.36
N MET A 208 -9.50 -11.74 10.88
CA MET A 208 -8.13 -11.43 11.31
C MET A 208 -7.35 -10.56 10.32
N PHE A 209 -7.43 -10.94 9.03
CA PHE A 209 -6.75 -10.23 7.96
C PHE A 209 -7.26 -8.83 7.69
N VAL A 210 -8.58 -8.65 7.65
CA VAL A 210 -9.17 -7.35 7.40
C VAL A 210 -9.07 -6.29 8.53
N VAL A 211 -9.12 -6.68 9.80
CA VAL A 211 -9.03 -5.68 10.87
C VAL A 211 -7.64 -5.63 11.52
N HIS A 212 -6.88 -6.69 11.34
CA HIS A 212 -5.57 -6.81 11.90
C HIS A 212 -4.42 -6.90 10.86
N PHE A 213 -4.68 -6.31 9.69
CA PHE A 213 -3.74 -6.18 8.58
C PHE A 213 -4.09 -4.95 7.74
N ILE A 214 -5.20 -5.04 6.99
CA ILE A 214 -5.65 -3.93 6.17
C ILE A 214 -5.84 -2.68 7.03
N ILE A 215 -6.95 -2.63 7.77
CA ILE A 215 -7.25 -1.50 8.63
C ILE A 215 -6.01 -0.96 9.37
N PRO A 216 -5.38 -1.80 10.23
CA PRO A 216 -4.18 -1.42 11.01
C PRO A 216 -3.21 -0.61 10.19
N LEU A 217 -3.14 -0.94 8.90
CA LEU A 217 -2.27 -0.29 7.94
C LEU A 217 -2.89 1.03 7.39
N ILE A 218 -4.13 0.96 6.89
CA ILE A 218 -4.80 2.16 6.36
C ILE A 218 -4.65 3.36 7.31
N VAL A 219 -4.44 3.09 8.61
CA VAL A 219 -4.26 4.18 9.56
C VAL A 219 -2.79 4.61 9.60
N ILE A 220 -1.90 3.65 9.31
CA ILE A 220 -0.46 3.91 9.29
C ILE A 220 -0.08 4.64 8.00
N PHE A 221 -0.47 4.07 6.86
CA PHE A 221 -0.18 4.68 5.56
C PHE A 221 -0.72 6.13 5.48
N PHE A 222 -1.99 6.32 5.90
CA PHE A 222 -2.62 7.65 5.88
C PHE A 222 -1.78 8.67 6.66
N CYS A 223 -1.28 8.26 7.83
CA CYS A 223 -0.45 9.10 8.71
C CYS A 223 1.03 9.07 8.31
N TYR A 224 1.33 8.36 7.23
CA TYR A 224 2.69 8.25 6.75
C TYR A 224 3.11 9.46 5.95
N GLY A 225 2.52 9.58 4.76
CA GLY A 225 2.81 10.71 3.90
C GLY A 225 2.77 11.94 4.78
N GLN A 226 1.60 12.22 5.36
CA GLN A 226 1.42 13.37 6.26
C GLN A 226 2.72 13.68 7.02
N LEU A 227 3.45 12.62 7.39
CA LEU A 227 4.72 12.77 8.11
C LEU A 227 5.76 13.28 7.13
N VAL A 228 5.28 14.10 6.20
CA VAL A 228 6.09 14.71 5.14
C VAL A 228 5.54 16.10 4.68
N PHE A 229 4.23 16.33 4.80
CA PHE A 229 3.60 17.63 4.42
C PHE A 229 4.35 18.66 5.26
N THR A 230 4.35 18.42 6.57
CA THR A 230 4.97 19.29 7.58
C THR A 230 6.50 19.38 7.59
N VAL A 231 7.19 18.25 7.38
CA VAL A 231 8.64 18.29 7.36
C VAL A 231 9.02 19.15 6.12
N LYS A 232 8.19 20.19 5.86
CA LYS A 232 8.32 21.11 4.72
C LYS A 232 7.61 22.48 4.93
N GLU A 233 6.40 22.67 4.35
CA GLU A 233 5.65 23.94 4.47
C GLU A 233 4.58 24.06 5.57
N ALA A 234 3.83 23.00 5.87
CA ALA A 234 2.83 23.12 6.94
C ALA A 234 3.54 23.30 8.25
N ALA A 235 4.81 23.68 8.14
CA ALA A 235 5.64 23.88 9.32
C ALA A 235 6.22 25.30 9.31
N ALA A 236 6.45 25.85 8.12
CA ALA A 236 7.00 27.19 7.99
C ALA A 236 5.96 28.19 8.50
N GLN A 237 4.70 27.93 8.19
CA GLN A 237 3.58 28.77 8.62
C GLN A 237 3.22 28.46 10.08
N GLN A 238 3.28 27.17 10.44
CA GLN A 238 2.98 26.71 11.81
C GLN A 238 4.21 26.87 12.72
N GLN A 239 5.05 27.85 12.37
CA GLN A 239 6.28 28.20 13.08
C GLN A 239 6.78 27.15 14.09
N GLU A 240 7.87 26.47 13.73
CA GLU A 240 8.47 25.45 14.59
C GLU A 240 9.98 25.72 14.79
N SER A 241 10.38 26.09 16.01
CA SER A 241 11.78 26.38 16.31
C SER A 241 12.69 25.25 15.82
N ALA A 242 13.82 25.61 15.24
CA ALA A 242 14.77 24.62 14.71
C ALA A 242 15.50 23.80 15.76
N THR A 243 15.18 23.99 17.04
CA THR A 243 15.80 23.23 18.12
C THR A 243 14.90 22.03 18.42
N THR A 244 13.77 21.97 17.72
CA THR A 244 12.79 20.90 17.88
C THR A 244 12.63 20.09 16.58
N GLN A 245 12.91 20.68 15.42
CA GLN A 245 12.81 19.98 14.12
C GLN A 245 14.03 19.08 13.90
N LYS A 246 14.61 18.60 15.01
CA LYS A 246 15.79 17.71 14.99
C LYS A 246 15.61 16.53 15.95
N ALA A 247 14.71 16.70 16.91
CA ALA A 247 14.39 15.64 17.87
C ALA A 247 13.05 15.11 17.42
N GLU A 248 12.11 16.04 17.23
CA GLU A 248 10.77 15.74 16.77
C GLU A 248 10.83 15.14 15.38
N LYS A 249 11.99 15.24 14.75
CA LYS A 249 12.19 14.64 13.44
C LYS A 249 13.06 13.41 13.67
N GLU A 250 13.82 13.39 14.76
CA GLU A 250 14.66 12.23 15.07
C GLU A 250 13.72 11.08 15.31
N VAL A 251 12.49 11.44 15.68
CA VAL A 251 11.41 10.50 15.97
C VAL A 251 10.56 10.23 14.73
N THR A 252 10.35 11.24 13.90
CA THR A 252 9.57 11.05 12.67
C THR A 252 10.40 10.07 11.80
N ARG A 253 11.71 10.01 12.05
CA ARG A 253 12.56 9.09 11.29
C ARG A 253 12.45 7.68 11.83
N MET A 254 12.62 7.55 13.15
CA MET A 254 12.54 6.25 13.82
C MET A 254 11.20 5.56 13.54
N VAL A 255 10.10 6.27 13.80
CA VAL A 255 8.77 5.72 13.57
C VAL A 255 8.71 5.25 12.14
N ILE A 256 9.28 6.05 11.24
CA ILE A 256 9.28 5.73 9.82
C ILE A 256 10.09 4.44 9.49
N ILE A 257 11.12 4.15 10.28
CA ILE A 257 11.95 2.94 10.07
C ILE A 257 11.39 1.70 10.78
N MET A 258 10.48 1.92 11.74
CA MET A 258 9.84 0.82 12.49
C MET A 258 8.67 0.24 11.67
N VAL A 259 8.17 1.04 10.73
CA VAL A 259 7.07 0.69 9.83
C VAL A 259 7.63 -0.15 8.67
N ILE A 260 8.74 0.28 8.11
CA ILE A 260 9.43 -0.43 7.02
C ILE A 260 9.91 -1.74 7.61
N ALA A 261 10.53 -1.63 8.76
CA ALA A 261 11.06 -2.77 9.46
C ALA A 261 9.97 -3.79 9.67
N PHE A 262 8.74 -3.32 9.82
CA PHE A 262 7.63 -4.24 10.05
C PHE A 262 7.18 -4.92 8.74
N LEU A 263 7.26 -4.22 7.63
CA LEU A 263 6.83 -4.79 6.36
C LEU A 263 7.83 -5.72 5.73
N ILE A 264 9.08 -5.67 6.21
CA ILE A 264 10.17 -6.52 5.72
C ILE A 264 10.10 -7.89 6.39
N CYS A 265 9.91 -7.84 7.70
CA CYS A 265 9.84 -9.01 8.54
C CYS A 265 8.56 -9.83 8.42
N TRP A 266 7.44 -9.15 8.63
CA TRP A 266 6.10 -9.75 8.62
C TRP A 266 5.41 -10.00 7.29
N LEU A 267 5.58 -9.10 6.32
CA LEU A 267 4.92 -9.29 5.03
C LEU A 267 5.13 -10.71 4.49
N PRO A 268 6.38 -11.20 4.46
CA PRO A 268 6.69 -12.55 3.95
C PRO A 268 5.84 -13.68 4.52
N TYR A 269 5.71 -13.76 5.84
CA TYR A 269 4.89 -14.81 6.42
C TYR A 269 3.49 -14.81 5.78
N ALA A 270 2.99 -13.59 5.55
CA ALA A 270 1.67 -13.37 4.97
C ALA A 270 1.66 -13.80 3.52
N GLY A 271 2.71 -13.42 2.78
CA GLY A 271 2.77 -13.78 1.38
C GLY A 271 2.40 -15.24 1.19
N VAL A 272 2.82 -16.07 2.15
CA VAL A 272 2.53 -17.50 2.08
C VAL A 272 1.20 -17.80 2.79
N ALA A 273 1.05 -17.36 4.04
CA ALA A 273 -0.20 -17.62 4.77
C ALA A 273 -1.39 -17.36 3.85
N PHE A 274 -1.31 -16.30 3.05
CA PHE A 274 -2.39 -15.96 2.12
C PHE A 274 -2.45 -16.93 0.94
N TYR A 275 -1.38 -17.03 0.16
CA TYR A 275 -1.41 -17.95 -0.98
C TYR A 275 -1.95 -19.30 -0.53
N ILE A 276 -1.66 -19.71 0.71
CA ILE A 276 -2.15 -20.99 1.23
C ILE A 276 -3.66 -21.09 1.20
N PHE A 277 -4.28 -20.19 1.96
CA PHE A 277 -5.74 -20.06 2.14
C PHE A 277 -6.52 -20.20 0.82
N THR A 278 -6.34 -19.24 -0.09
CA THR A 278 -7.03 -19.21 -1.38
C THR A 278 -6.75 -20.42 -2.30
N HIS A 279 -5.48 -20.80 -2.43
CA HIS A 279 -5.09 -21.94 -3.27
C HIS A 279 -5.09 -23.25 -2.49
N GLN A 280 -5.92 -23.39 -1.46
CA GLN A 280 -5.95 -24.65 -0.69
C GLN A 280 -5.98 -25.87 -1.61
N GLY A 281 -5.19 -26.89 -1.28
CA GLY A 281 -5.17 -28.10 -2.08
C GLY A 281 -4.09 -28.24 -3.17
N SER A 282 -3.19 -27.27 -3.26
CA SER A 282 -2.10 -27.28 -4.25
C SER A 282 -0.78 -27.63 -3.56
N CYS A 283 -0.23 -28.79 -3.90
CA CYS A 283 1.02 -29.27 -3.30
C CYS A 283 2.08 -28.22 -3.08
N PHE A 284 2.71 -28.30 -1.92
CA PHE A 284 3.79 -27.41 -1.54
C PHE A 284 4.54 -28.17 -0.46
N GLY A 285 5.75 -27.73 -0.13
CA GLY A 285 6.54 -28.43 0.88
C GLY A 285 6.60 -27.90 2.30
N PRO A 286 7.41 -28.54 3.15
CA PRO A 286 7.53 -28.09 4.53
C PRO A 286 8.56 -26.96 4.69
N ILE A 287 8.72 -26.14 3.66
CA ILE A 287 9.69 -25.03 3.71
C ILE A 287 9.04 -23.79 3.09
N PHE A 288 7.89 -24.00 2.51
CA PHE A 288 7.12 -22.95 1.85
C PHE A 288 6.47 -22.00 2.86
N MET A 289 6.25 -22.47 4.08
CA MET A 289 5.65 -21.64 5.14
C MET A 289 6.53 -21.61 6.38
N THR A 290 7.60 -22.40 6.39
CA THR A 290 8.48 -22.43 7.56
C THR A 290 9.50 -21.31 7.66
N ILE A 291 10.07 -20.87 6.53
CA ILE A 291 11.05 -19.79 6.56
C ILE A 291 10.32 -18.52 7.01
N PRO A 292 9.34 -18.08 6.21
CA PRO A 292 8.55 -16.88 6.54
C PRO A 292 8.17 -16.84 8.01
N ALA A 293 7.73 -17.99 8.51
CA ALA A 293 7.35 -18.10 9.90
C ALA A 293 8.56 -17.85 10.79
N PHE A 294 9.54 -18.75 10.77
CA PHE A 294 10.71 -18.57 11.61
C PHE A 294 11.48 -17.29 11.37
N PHE A 295 11.43 -16.81 10.12
CA PHE A 295 12.12 -15.59 9.79
C PHE A 295 11.42 -14.44 10.46
N ALA A 296 10.17 -14.25 10.05
CA ALA A 296 9.36 -13.19 10.59
C ALA A 296 9.31 -13.26 12.11
N LYS A 297 9.66 -14.41 12.68
CA LYS A 297 9.64 -14.60 14.12
C LYS A 297 10.65 -13.75 14.89
N THR A 298 11.36 -12.87 14.18
CA THR A 298 12.34 -12.00 14.83
C THR A 298 11.64 -10.72 15.31
N SER A 299 10.30 -10.73 15.25
CA SER A 299 9.40 -9.62 15.66
C SER A 299 9.47 -9.27 17.14
N ALA A 300 10.39 -9.94 17.85
CA ALA A 300 10.57 -9.75 19.27
C ALA A 300 12.03 -9.57 19.57
N VAL A 301 12.74 -8.84 18.72
CA VAL A 301 14.16 -8.64 18.91
C VAL A 301 14.66 -7.30 18.38
N TYR A 302 14.33 -7.03 17.12
CA TYR A 302 14.78 -5.83 16.44
C TYR A 302 14.27 -4.44 16.89
N ASN A 303 13.07 -4.33 17.47
CA ASN A 303 12.59 -3.00 17.90
C ASN A 303 13.38 -2.33 19.02
N PRO A 304 13.72 -3.08 20.07
CA PRO A 304 14.50 -2.40 21.11
C PRO A 304 15.84 -1.95 20.53
N VAL A 305 16.25 -2.57 19.42
CA VAL A 305 17.53 -2.27 18.73
C VAL A 305 17.47 -0.98 17.88
N ILE A 306 16.46 -0.87 17.01
CA ILE A 306 16.26 0.32 16.16
C ILE A 306 16.19 1.50 17.12
N TYR A 307 15.72 1.20 18.31
CA TYR A 307 15.52 2.12 19.42
C TYR A 307 16.78 2.56 20.18
N ILE A 308 17.83 1.73 20.17
CA ILE A 308 19.06 2.11 20.84
C ILE A 308 19.95 2.71 19.78
N MET A 309 19.68 2.33 18.54
CA MET A 309 20.47 2.82 17.42
C MET A 309 19.86 4.04 16.69
N MET A 310 18.68 4.50 17.10
CA MET A 310 18.09 5.67 16.43
C MET A 310 17.43 6.63 17.39
N ASN A 311 17.74 6.46 18.66
CA ASN A 311 17.19 7.33 19.66
C ASN A 311 18.25 7.57 20.71
N LYS A 312 18.99 8.67 20.53
CA LYS A 312 20.06 9.06 21.44
C LYS A 312 19.64 9.13 22.91
N GLN A 313 18.63 9.95 23.24
CA GLN A 313 18.21 10.05 24.64
C GLN A 313 18.14 8.66 25.25
N PHE A 314 17.30 7.78 24.69
CA PHE A 314 17.22 6.44 25.24
C PHE A 314 18.59 5.80 25.36
N ARG A 315 19.41 5.99 24.33
CA ARG A 315 20.75 5.41 24.29
C ARG A 315 21.78 5.96 25.30
N ASN A 316 21.71 7.25 25.62
CA ASN A 316 22.67 7.84 26.57
C ASN A 316 22.35 7.39 27.97
N CYS A 317 21.08 7.07 28.22
CA CYS A 317 20.65 6.61 29.54
C CYS A 317 20.90 5.12 29.68
N MET A 318 20.60 4.38 28.62
CA MET A 318 20.82 2.95 28.66
C MET A 318 22.28 2.61 28.88
N VAL A 319 23.19 3.47 28.44
CA VAL A 319 24.65 3.25 28.61
C VAL A 319 25.10 3.79 29.94
N THR A 320 24.21 4.53 30.59
CA THR A 320 24.48 5.11 31.89
C THR A 320 24.08 4.11 32.96
N THR A 321 23.12 3.25 32.63
CA THR A 321 22.66 2.22 33.55
C THR A 321 23.72 1.16 33.76
N LEU A 322 24.17 0.59 32.64
CA LEU A 322 25.18 -0.45 32.65
C LEU A 322 26.51 0.03 33.19
N CYS A 323 27.09 1.04 32.56
CA CYS A 323 28.36 1.51 33.04
C CYS A 323 28.31 2.07 34.47
N CYS A 324 27.14 1.99 35.11
CA CYS A 324 27.03 2.50 36.50
C CYS A 324 27.38 3.99 36.50
N GLY A 325 26.73 4.77 37.35
CA GLY A 325 27.05 6.18 37.35
C GLY A 325 26.75 6.64 35.96
N LYS A 326 27.70 7.25 35.27
CA LYS A 326 27.42 7.69 33.91
C LYS A 326 28.49 7.23 32.97
N ASN A 327 28.30 7.53 31.69
CA ASN A 327 29.23 7.04 30.68
C ASN A 327 30.49 6.40 31.19
N PRO A 328 31.39 7.13 31.64
N MET B 2 24.78 26.95 -11.25
CA MET B 2 23.66 26.34 -10.54
C MET B 2 23.14 25.07 -11.23
N CYS B 3 22.08 24.45 -10.67
CA CYS B 3 21.47 23.23 -11.23
C CYS B 3 20.52 23.53 -12.39
N GLY B 4 19.42 24.23 -12.08
CA GLY B 4 18.44 24.59 -13.08
C GLY B 4 18.49 26.10 -13.28
N THR B 5 17.68 26.65 -14.18
CA THR B 5 17.68 28.10 -14.45
C THR B 5 16.27 28.72 -14.27
N GLU B 6 15.87 28.96 -13.03
CA GLU B 6 14.55 29.53 -12.69
C GLU B 6 14.18 30.84 -13.40
N GLY B 7 12.91 30.97 -13.76
CA GLY B 7 12.43 32.17 -14.43
C GLY B 7 11.17 32.72 -13.82
N PRO B 8 10.40 33.53 -14.56
CA PRO B 8 9.17 34.04 -13.96
C PRO B 8 8.08 32.94 -13.87
N ASN B 9 8.01 32.07 -14.89
CA ASN B 9 6.99 31.00 -14.90
C ASN B 9 7.47 29.64 -15.42
N PHE B 10 8.75 29.35 -15.26
CA PHE B 10 9.30 28.08 -15.74
C PHE B 10 10.40 27.55 -14.85
N TYR B 11 10.87 26.34 -15.14
CA TYR B 11 12.01 25.77 -14.41
C TYR B 11 12.55 24.65 -15.27
N VAL B 12 13.87 24.53 -15.30
CA VAL B 12 14.53 23.58 -16.18
C VAL B 12 15.79 22.93 -15.58
N PRO B 13 16.02 21.64 -15.87
CA PRO B 13 17.19 20.96 -15.34
C PRO B 13 18.48 21.12 -16.16
N PHE B 14 18.84 22.37 -16.45
CA PHE B 14 20.04 22.66 -17.23
C PHE B 14 20.68 23.99 -16.81
N SER B 15 21.91 23.95 -16.33
CA SER B 15 22.64 25.16 -15.87
C SER B 15 22.85 26.39 -16.81
N ASN B 16 22.41 27.62 -16.45
CA ASN B 16 22.66 28.84 -17.30
C ASN B 16 24.12 29.23 -16.89
N LYS B 17 25.00 28.25 -16.66
CA LYS B 17 26.41 28.55 -16.27
C LYS B 17 27.20 28.77 -17.55
N THR B 18 26.52 28.63 -18.68
CA THR B 18 27.09 28.83 -20.01
C THR B 18 26.21 29.89 -20.67
N GLY B 19 25.13 30.26 -19.98
CA GLY B 19 24.22 31.27 -20.49
C GLY B 19 23.40 30.86 -21.68
N VAL B 20 23.25 29.55 -21.88
CA VAL B 20 22.49 29.02 -23.02
C VAL B 20 20.98 29.01 -22.84
N VAL B 21 20.52 28.62 -21.65
CA VAL B 21 19.10 28.51 -21.33
C VAL B 21 18.12 29.59 -21.81
N ARG B 22 17.07 29.17 -22.52
CA ARG B 22 16.02 30.07 -23.05
C ARG B 22 14.71 29.65 -22.34
N SER B 23 13.80 30.60 -22.08
CA SER B 23 12.53 30.25 -21.42
C SER B 23 11.60 29.40 -22.30
N PRO B 24 10.97 28.34 -21.74
CA PRO B 24 10.06 27.44 -22.46
C PRO B 24 8.79 28.09 -22.90
N PHE B 25 8.89 29.33 -23.39
CA PHE B 25 7.72 30.08 -23.87
C PHE B 25 8.16 31.18 -24.82
N GLU B 26 9.46 31.21 -25.13
CA GLU B 26 10.03 32.20 -26.04
C GLU B 26 10.77 31.55 -27.23
N ALA B 27 11.67 30.59 -26.94
CA ALA B 27 12.46 29.89 -27.98
C ALA B 27 12.73 28.41 -27.66
N PRO B 28 13.09 27.61 -28.69
CA PRO B 28 13.38 26.16 -28.58
C PRO B 28 14.26 25.77 -27.43
N GLN B 29 13.98 24.60 -26.88
CA GLN B 29 14.74 24.05 -25.77
C GLN B 29 15.63 22.92 -26.31
N TYR B 30 16.15 23.11 -27.53
CA TYR B 30 16.99 22.10 -28.16
C TYR B 30 18.28 21.87 -27.38
N TYR B 31 18.62 22.81 -26.50
CA TYR B 31 19.83 22.73 -25.69
C TYR B 31 19.74 21.78 -24.45
N LEU B 32 18.69 20.96 -24.38
CA LEU B 32 18.49 20.04 -23.23
C LEU B 32 18.76 18.58 -23.58
N ALA B 33 18.35 18.20 -24.78
CA ALA B 33 18.52 16.86 -25.32
C ALA B 33 18.90 17.03 -26.80
N GLU B 34 19.09 15.92 -27.53
CA GLU B 34 19.44 16.02 -28.96
C GLU B 34 18.18 16.22 -29.83
N PRO B 35 18.27 17.07 -30.85
CA PRO B 35 17.13 17.34 -31.73
C PRO B 35 16.53 16.13 -32.42
N TRP B 36 17.13 14.95 -32.24
CA TRP B 36 16.58 13.72 -32.82
C TRP B 36 15.56 13.13 -31.85
N GLN B 37 15.67 13.53 -30.59
CA GLN B 37 14.78 13.08 -29.52
C GLN B 37 13.50 13.90 -29.49
N PHE B 38 13.63 15.22 -29.61
CA PHE B 38 12.45 16.07 -29.57
C PHE B 38 11.43 15.62 -30.59
N SER B 39 11.91 14.98 -31.65
CA SER B 39 11.01 14.48 -32.67
C SER B 39 10.38 13.15 -32.17
N MET B 40 11.19 12.36 -31.44
CA MET B 40 10.76 11.06 -30.89
C MET B 40 9.50 11.20 -30.05
N LEU B 41 9.44 12.29 -29.27
CA LEU B 41 8.29 12.55 -28.44
C LEU B 41 7.13 12.78 -29.39
N ALA B 42 7.33 13.69 -30.34
CA ALA B 42 6.32 14.02 -31.33
C ALA B 42 5.71 12.77 -31.96
N ALA B 43 6.55 11.80 -32.32
CA ALA B 43 6.11 10.54 -32.95
C ALA B 43 5.30 9.62 -32.02
N TYR B 44 5.74 9.59 -30.76
CA TYR B 44 5.11 8.81 -29.71
C TYR B 44 3.75 9.45 -29.42
N MET B 45 3.77 10.78 -29.24
CA MET B 45 2.57 11.57 -28.98
C MET B 45 1.64 11.55 -30.18
N PHE B 46 2.19 11.24 -31.35
CA PHE B 46 1.40 11.17 -32.58
C PHE B 46 0.76 9.79 -32.67
N LEU B 47 1.43 8.78 -32.15
CA LEU B 47 0.86 7.44 -32.17
C LEU B 47 -0.34 7.39 -31.21
N LEU B 48 -0.17 7.83 -29.97
CA LEU B 48 -1.27 7.83 -29.00
C LEU B 48 -2.45 8.70 -29.41
N ILE B 49 -2.23 9.62 -30.35
CA ILE B 49 -3.31 10.47 -30.85
C ILE B 49 -4.05 9.68 -31.93
N MET B 50 -3.31 8.94 -32.77
CA MET B 50 -3.93 8.13 -33.83
C MET B 50 -4.30 6.73 -33.39
N LEU B 51 -4.34 6.52 -32.07
CA LEU B 51 -4.70 5.24 -31.45
C LEU B 51 -5.80 5.44 -30.37
N GLY B 52 -5.71 6.52 -29.59
CA GLY B 52 -6.70 6.79 -28.56
C GLY B 52 -7.99 7.40 -29.09
N PHE B 53 -7.94 8.01 -30.26
CA PHE B 53 -9.11 8.64 -30.86
C PHE B 53 -10.24 7.68 -31.24
N PRO B 54 -9.93 6.53 -31.86
CA PRO B 54 -10.97 5.57 -32.25
C PRO B 54 -11.34 4.56 -31.19
N ILE B 55 -10.35 4.00 -30.50
CA ILE B 55 -10.66 3.00 -29.46
C ILE B 55 -11.32 3.59 -28.19
N ASN B 56 -11.63 4.88 -28.22
CA ASN B 56 -12.30 5.55 -27.12
C ASN B 56 -13.56 6.23 -27.69
N PHE B 57 -13.52 6.54 -28.98
CA PHE B 57 -14.68 7.14 -29.66
C PHE B 57 -15.61 5.96 -29.96
N LEU B 58 -15.00 4.80 -30.20
CA LEU B 58 -15.71 3.55 -30.49
C LEU B 58 -16.37 2.97 -29.24
N THR B 59 -15.72 3.11 -28.09
CA THR B 59 -16.32 2.60 -26.87
C THR B 59 -17.33 3.66 -26.43
N LEU B 60 -17.08 4.91 -26.81
CA LEU B 60 -18.00 5.99 -26.47
C LEU B 60 -19.16 5.97 -27.45
N TYR B 61 -19.25 4.88 -28.21
CA TYR B 61 -20.27 4.76 -29.22
C TYR B 61 -20.92 3.37 -29.25
N VAL B 62 -20.20 2.34 -28.84
CA VAL B 62 -20.76 0.99 -28.82
C VAL B 62 -21.74 0.95 -27.64
N THR B 63 -21.70 1.97 -26.77
CA THR B 63 -22.59 2.04 -25.60
C THR B 63 -23.82 2.91 -25.85
N VAL B 64 -23.59 4.09 -26.40
CA VAL B 64 -24.68 5.03 -26.69
C VAL B 64 -25.75 4.39 -27.58
N GLN B 65 -25.37 3.43 -28.43
CA GLN B 65 -26.30 2.75 -29.34
C GLN B 65 -26.99 1.55 -28.70
N HIS B 66 -26.21 0.55 -28.30
CA HIS B 66 -26.75 -0.67 -27.69
C HIS B 66 -27.65 -0.38 -26.49
N LYS B 67 -28.54 -1.32 -26.22
CA LYS B 67 -29.47 -1.16 -25.11
C LYS B 67 -29.12 -1.97 -23.88
N LYS B 68 -28.84 -3.27 -24.08
CA LYS B 68 -28.51 -4.13 -22.95
C LYS B 68 -27.22 -3.72 -22.21
N LEU B 69 -26.55 -2.67 -22.70
CA LEU B 69 -25.31 -2.20 -22.06
C LEU B 69 -25.59 -1.02 -21.14
N ARG B 70 -26.27 -1.27 -20.02
CA ARG B 70 -26.59 -0.22 -19.08
C ARG B 70 -26.49 -0.66 -17.63
N THR B 71 -25.27 -0.90 -17.17
CA THR B 71 -25.05 -1.28 -15.77
C THR B 71 -23.89 -0.43 -15.28
N PRO B 72 -23.68 -0.40 -13.96
CA PRO B 72 -22.61 0.39 -13.31
C PRO B 72 -21.22 0.36 -13.97
N LEU B 73 -20.85 -0.79 -14.56
CA LEU B 73 -19.55 -0.95 -15.24
C LEU B 73 -19.51 -0.37 -16.66
N ASN B 74 -20.61 -0.50 -17.39
CA ASN B 74 -20.68 0.03 -18.75
C ASN B 74 -20.65 1.58 -18.70
N TYR B 75 -20.99 2.11 -17.52
CA TYR B 75 -21.03 3.54 -17.19
C TYR B 75 -19.64 4.12 -16.90
N ILE B 76 -18.94 3.56 -15.91
CA ILE B 76 -17.60 4.03 -15.59
C ILE B 76 -16.65 3.90 -16.80
N LEU B 77 -16.81 2.86 -17.62
CA LEU B 77 -15.97 2.62 -18.82
C LEU B 77 -16.44 3.33 -20.08
N LEU B 78 -17.52 4.09 -19.94
CA LEU B 78 -18.11 4.89 -21.01
C LEU B 78 -17.92 6.35 -20.57
N ASN B 79 -17.35 6.51 -19.37
CA ASN B 79 -17.03 7.80 -18.75
C ASN B 79 -15.53 8.05 -19.01
N LEU B 80 -14.76 6.97 -19.02
CA LEU B 80 -13.34 7.02 -19.34
C LEU B 80 -13.35 7.27 -20.84
N ALA B 81 -14.37 6.76 -21.51
CA ALA B 81 -14.54 6.95 -22.93
C ALA B 81 -14.61 8.44 -23.25
N VAL B 82 -14.86 9.25 -22.24
CA VAL B 82 -14.95 10.69 -22.45
C VAL B 82 -13.75 11.45 -21.89
N ALA B 83 -13.43 11.19 -20.64
CA ALA B 83 -12.32 11.86 -19.99
C ALA B 83 -11.07 11.75 -20.85
N ASP B 84 -10.93 10.60 -21.49
CA ASP B 84 -9.78 10.33 -22.31
C ASP B 84 -9.75 11.11 -23.61
N LEU B 85 -10.90 11.22 -24.31
CA LEU B 85 -10.91 11.99 -25.54
C LEU B 85 -10.61 13.46 -25.22
N PHE B 86 -10.82 13.84 -23.95
CA PHE B 86 -10.54 15.21 -23.48
C PHE B 86 -9.04 15.34 -23.32
N MET B 87 -8.40 14.20 -23.15
CA MET B 87 -6.97 14.14 -23.03
C MET B 87 -6.38 14.37 -24.41
N VAL B 88 -6.85 13.61 -25.39
CA VAL B 88 -6.37 13.69 -26.80
C VAL B 88 -6.45 15.06 -27.50
N PHE B 89 -7.66 15.57 -27.77
CA PHE B 89 -7.81 16.87 -28.46
C PHE B 89 -7.61 18.09 -27.57
N GLY B 90 -7.87 17.88 -26.29
CA GLY B 90 -7.70 18.95 -25.33
C GLY B 90 -6.24 19.02 -24.95
N GLY B 91 -5.62 17.88 -24.67
CA GLY B 91 -4.23 17.89 -24.25
C GLY B 91 -3.16 17.49 -25.25
N PHE B 92 -3.27 16.26 -25.77
CA PHE B 92 -2.31 15.72 -26.72
C PHE B 92 -2.12 16.51 -28.02
N THR B 93 -3.21 17.04 -28.58
CA THR B 93 -3.07 17.85 -29.79
C THR B 93 -2.15 19.00 -29.41
N THR B 94 -2.41 19.61 -28.26
CA THR B 94 -1.63 20.74 -27.74
C THR B 94 -0.28 20.34 -27.15
N THR B 95 0.08 19.07 -27.20
CA THR B 95 1.34 18.59 -26.65
C THR B 95 2.28 17.95 -27.72
N LEU B 96 1.68 17.36 -28.76
CA LEU B 96 2.45 16.74 -29.82
C LEU B 96 3.02 17.93 -30.56
N TYR B 97 2.12 18.82 -30.95
CA TYR B 97 2.45 20.04 -31.67
C TYR B 97 3.62 20.79 -31.03
N THR B 98 3.75 20.65 -29.71
CA THR B 98 4.80 21.31 -28.93
C THR B 98 6.21 20.80 -29.21
N SER B 99 6.39 19.48 -29.11
CA SER B 99 7.68 18.80 -29.33
C SER B 99 8.27 19.03 -30.75
N LEU B 100 7.39 19.14 -31.75
CA LEU B 100 7.82 19.40 -33.13
C LEU B 100 8.52 20.76 -33.15
N HIS B 101 8.18 21.61 -32.18
CA HIS B 101 8.78 22.92 -32.07
C HIS B 101 9.86 22.99 -31.00
N GLY B 102 10.07 21.90 -30.28
CA GLY B 102 11.08 21.90 -29.24
C GLY B 102 10.86 22.81 -28.03
N TYR B 103 9.68 23.42 -27.96
CA TYR B 103 9.34 24.31 -26.86
C TYR B 103 7.89 24.81 -27.11
N PHE B 104 7.17 25.14 -26.04
CA PHE B 104 5.78 25.64 -26.14
C PHE B 104 5.69 26.89 -27.02
N VAL B 105 4.61 27.03 -27.79
CA VAL B 105 4.49 28.21 -28.63
C VAL B 105 3.27 29.05 -28.28
N PHE B 106 2.13 28.38 -28.11
CA PHE B 106 0.86 29.02 -27.79
C PHE B 106 0.88 30.01 -26.60
N GLY B 107 2.02 30.11 -25.92
CA GLY B 107 2.14 31.00 -24.77
C GLY B 107 1.75 30.19 -23.57
N PRO B 108 2.13 30.55 -22.35
CA PRO B 108 1.68 29.68 -21.27
C PRO B 108 0.19 29.40 -21.38
N THR B 109 -0.51 30.16 -22.24
CA THR B 109 -1.98 29.99 -22.44
C THR B 109 -2.27 28.66 -23.12
N GLY B 110 -1.31 27.77 -23.03
CA GLY B 110 -1.45 26.45 -23.61
C GLY B 110 -1.00 25.39 -22.62
N CYS B 111 0.08 25.68 -21.90
CA CYS B 111 0.60 24.76 -20.89
C CYS B 111 -0.46 24.65 -19.77
N ASN B 112 -1.68 25.08 -20.08
CA ASN B 112 -2.81 25.01 -19.17
C ASN B 112 -3.69 23.88 -19.66
N LEU B 113 -3.83 23.78 -20.98
CA LEU B 113 -4.65 22.74 -21.60
C LEU B 113 -3.92 21.37 -21.51
N GLU B 114 -2.58 21.40 -21.63
CA GLU B 114 -1.71 20.22 -21.57
C GLU B 114 -1.73 19.68 -20.16
N GLY B 115 -1.28 20.55 -19.25
CA GLY B 115 -1.18 20.24 -17.83
C GLY B 115 -2.51 20.09 -17.13
N PHE B 116 -3.57 20.65 -17.70
CA PHE B 116 -4.89 20.51 -17.12
C PHE B 116 -5.56 19.21 -17.61
N PHE B 117 -5.62 19.03 -18.94
CA PHE B 117 -6.22 17.84 -19.58
C PHE B 117 -5.45 16.55 -19.41
N ALA B 118 -4.49 16.55 -18.50
CA ALA B 118 -3.69 15.37 -18.22
C ALA B 118 -4.03 15.03 -16.78
N THR B 119 -3.95 16.05 -15.92
CA THR B 119 -4.25 15.90 -14.51
C THR B 119 -5.70 15.50 -14.43
N LEU B 120 -6.52 16.12 -15.26
CA LEU B 120 -7.96 15.83 -15.28
C LEU B 120 -8.22 14.38 -15.66
N GLY B 121 -7.69 13.96 -16.80
CA GLY B 121 -7.88 12.60 -17.30
C GLY B 121 -7.37 11.51 -16.37
N GLY B 122 -6.39 11.91 -15.55
CA GLY B 122 -5.80 11.02 -14.56
C GLY B 122 -6.66 10.92 -13.30
N GLU B 123 -7.23 12.05 -12.86
CA GLU B 123 -8.09 12.10 -11.68
C GLU B 123 -9.47 11.46 -11.93
N ILE B 124 -9.97 11.53 -13.17
CA ILE B 124 -11.27 10.94 -13.54
C ILE B 124 -11.09 9.44 -13.68
N ALA B 125 -9.84 9.00 -13.59
CA ALA B 125 -9.52 7.59 -13.71
C ALA B 125 -9.08 6.96 -12.39
N LEU B 126 -8.64 7.78 -11.42
CA LEU B 126 -8.26 7.26 -10.11
C LEU B 126 -9.55 7.21 -9.26
N TRP B 127 -10.38 8.24 -9.38
CA TRP B 127 -11.64 8.28 -8.63
C TRP B 127 -12.70 7.31 -9.22
N SER B 128 -12.76 7.21 -10.54
CA SER B 128 -13.69 6.27 -11.16
C SER B 128 -13.33 4.84 -10.75
N LEU B 129 -12.18 4.66 -10.08
CA LEU B 129 -11.76 3.34 -9.62
C LEU B 129 -12.25 3.11 -8.19
N VAL B 130 -12.51 4.19 -7.46
CA VAL B 130 -13.02 4.08 -6.09
C VAL B 130 -14.51 3.72 -6.20
N VAL B 131 -15.17 4.36 -7.16
CA VAL B 131 -16.60 4.16 -7.42
C VAL B 131 -16.79 2.80 -8.02
N LEU B 132 -15.68 2.18 -8.38
CA LEU B 132 -15.70 0.88 -9.01
C LEU B 132 -15.37 -0.20 -7.99
N ALA B 133 -14.58 0.16 -6.97
CA ALA B 133 -14.18 -0.77 -5.90
C ALA B 133 -15.35 -0.86 -4.94
N ILE B 134 -15.84 0.31 -4.56
CA ILE B 134 -16.97 0.40 -3.68
C ILE B 134 -18.09 -0.44 -4.32
N GLU B 135 -18.18 -0.41 -5.64
CA GLU B 135 -19.20 -1.17 -6.36
C GLU B 135 -18.90 -2.65 -6.27
N ARG B 136 -17.63 -3.03 -6.43
CA ARG B 136 -17.29 -4.42 -6.37
C ARG B 136 -17.47 -4.89 -4.96
N TYR B 137 -17.29 -3.96 -4.02
CA TYR B 137 -17.43 -4.26 -2.60
C TYR B 137 -18.87 -4.47 -2.18
N VAL B 138 -19.79 -3.68 -2.75
CA VAL B 138 -21.20 -3.81 -2.41
C VAL B 138 -21.85 -4.88 -3.28
N VAL B 139 -21.02 -5.63 -3.99
CA VAL B 139 -21.53 -6.72 -4.83
C VAL B 139 -20.82 -8.03 -4.56
N VAL B 140 -19.53 -7.97 -4.22
CA VAL B 140 -18.75 -9.17 -3.88
C VAL B 140 -19.08 -9.64 -2.46
N CYS B 141 -18.89 -8.79 -1.44
CA CYS B 141 -19.23 -9.15 -0.04
C CYS B 141 -20.44 -8.35 0.42
N LYS B 142 -21.45 -8.26 -0.43
CA LYS B 142 -22.64 -7.47 -0.15
C LYS B 142 -23.00 -7.26 1.31
N PRO B 143 -23.35 -6.01 1.69
CA PRO B 143 -23.73 -5.66 3.05
C PRO B 143 -25.19 -6.10 3.37
N MET B 144 -26.08 -5.15 3.66
CA MET B 144 -27.46 -5.47 4.09
C MET B 144 -28.58 -5.40 3.06
N SER B 145 -29.74 -4.90 3.50
CA SER B 145 -30.97 -4.81 2.70
C SER B 145 -30.74 -4.46 1.25
N ASN B 146 -31.67 -4.88 0.39
CA ASN B 146 -31.53 -4.68 -1.05
C ASN B 146 -31.96 -3.38 -1.68
N PHE B 147 -31.06 -2.41 -1.61
CA PHE B 147 -31.22 -1.09 -2.20
C PHE B 147 -30.45 -1.22 -3.48
N ARG B 148 -30.17 -2.47 -3.86
CA ARG B 148 -29.39 -2.77 -5.05
C ARG B 148 -29.47 -1.65 -6.05
N PHE B 149 -28.32 -1.03 -6.25
CA PHE B 149 -28.11 0.09 -7.13
C PHE B 149 -28.98 0.04 -8.37
N GLY B 150 -29.53 1.20 -8.73
CA GLY B 150 -30.30 1.32 -9.95
C GLY B 150 -29.46 2.21 -10.82
N GLU B 151 -29.73 2.24 -12.11
CA GLU B 151 -28.95 3.10 -12.99
C GLU B 151 -28.63 4.41 -12.27
N ASN B 152 -29.50 4.75 -11.32
CA ASN B 152 -29.40 5.97 -10.52
C ASN B 152 -28.08 6.20 -9.81
N HIS B 153 -27.79 5.42 -8.77
CA HIS B 153 -26.54 5.61 -8.03
C HIS B 153 -25.34 5.59 -8.95
N ALA B 154 -25.53 5.03 -10.14
CA ALA B 154 -24.49 4.94 -11.15
C ALA B 154 -24.07 6.35 -11.55
N ILE B 155 -25.07 7.18 -11.86
CA ILE B 155 -24.80 8.55 -12.24
C ILE B 155 -24.17 9.25 -11.03
N MET B 156 -24.75 9.01 -9.85
CA MET B 156 -24.28 9.61 -8.59
C MET B 156 -22.77 9.48 -8.42
N GLY B 157 -22.24 8.34 -8.83
CA GLY B 157 -20.81 8.10 -8.73
C GLY B 157 -20.08 8.61 -9.96
N VAL B 158 -20.77 8.65 -11.10
CA VAL B 158 -20.16 9.14 -12.33
C VAL B 158 -20.07 10.66 -12.31
N ALA B 159 -21.09 11.32 -11.78
CA ALA B 159 -21.04 12.78 -11.69
C ALA B 159 -20.07 13.09 -10.56
N PHE B 160 -19.77 12.04 -9.78
CA PHE B 160 -18.85 12.11 -8.64
C PHE B 160 -17.39 12.21 -9.06
N THR B 161 -16.95 11.43 -10.04
CA THR B 161 -15.55 11.48 -10.47
C THR B 161 -15.14 12.83 -11.04
N TRP B 162 -15.94 13.37 -11.96
CA TRP B 162 -15.62 14.67 -12.53
C TRP B 162 -15.47 15.76 -11.47
N VAL B 163 -16.44 15.81 -10.55
CA VAL B 163 -16.41 16.77 -9.47
C VAL B 163 -15.08 16.61 -8.75
N MET B 164 -14.91 15.48 -8.06
CA MET B 164 -13.67 15.20 -7.34
C MET B 164 -12.42 15.41 -8.20
N ALA B 165 -12.46 14.93 -9.45
CA ALA B 165 -11.32 15.10 -10.33
C ALA B 165 -11.04 16.58 -10.66
N LEU B 166 -12.02 17.46 -10.51
CA LEU B 166 -11.79 18.88 -10.78
C LEU B 166 -11.24 19.59 -9.54
N ALA B 167 -11.29 18.92 -8.40
CA ALA B 167 -10.78 19.51 -7.15
C ALA B 167 -9.25 19.53 -7.14
N CYS B 168 -8.68 18.76 -8.05
CA CYS B 168 -7.24 18.61 -8.19
C CYS B 168 -6.71 19.43 -9.34
N ALA B 169 -7.40 19.34 -10.47
CA ALA B 169 -7.02 20.04 -11.69
C ALA B 169 -7.35 21.53 -11.82
N ALA B 170 -8.57 21.93 -11.50
CA ALA B 170 -8.92 23.32 -11.64
C ALA B 170 -8.21 24.26 -10.67
N PRO B 171 -8.09 23.90 -9.37
CA PRO B 171 -7.42 24.80 -8.41
C PRO B 171 -6.18 25.50 -8.96
N PRO B 172 -5.19 24.73 -9.47
CA PRO B 172 -3.95 25.30 -10.02
C PRO B 172 -4.16 26.20 -11.23
N LEU B 173 -5.34 26.10 -11.84
CA LEU B 173 -5.65 26.88 -13.03
C LEU B 173 -6.06 28.31 -12.70
N VAL B 174 -6.54 28.53 -11.49
CA VAL B 174 -6.96 29.86 -11.04
C VAL B 174 -5.89 30.54 -10.16
N GLY B 175 -5.01 29.76 -9.53
CA GLY B 175 -4.00 30.35 -8.68
C GLY B 175 -3.61 29.58 -7.44
N TRP B 176 -4.10 28.34 -7.31
CA TRP B 176 -3.73 27.47 -6.16
C TRP B 176 -2.79 26.41 -6.72
N SER B 177 -1.55 26.84 -6.95
CA SER B 177 -0.44 26.07 -7.56
C SER B 177 -0.28 26.70 -8.96
N ARG B 178 -0.18 25.86 -9.99
CA ARG B 178 -0.01 26.35 -11.35
C ARG B 178 0.67 25.33 -12.25
N TYR B 179 0.28 25.30 -13.52
CA TYR B 179 0.87 24.37 -14.47
C TYR B 179 2.15 24.95 -15.12
N ILE B 180 3.27 24.26 -14.93
CA ILE B 180 4.57 24.70 -15.45
C ILE B 180 5.26 23.59 -16.26
N PRO B 181 6.19 23.96 -17.15
CA PRO B 181 6.87 22.94 -17.94
C PRO B 181 7.71 21.94 -17.12
N GLU B 182 7.53 20.64 -17.44
CA GLU B 182 8.25 19.52 -16.81
C GLU B 182 9.41 19.01 -17.68
N GLY B 183 10.30 18.23 -17.06
CA GLY B 183 11.43 17.65 -17.76
C GLY B 183 11.92 18.43 -18.97
N MET B 184 11.50 18.00 -20.17
CA MET B 184 11.92 18.64 -21.44
C MET B 184 11.10 19.87 -21.89
N GLN B 185 10.32 20.46 -20.99
CA GLN B 185 9.51 21.62 -21.36
C GLN B 185 8.63 21.30 -22.58
N CYS B 186 7.94 20.15 -22.53
CA CYS B 186 7.05 19.69 -23.59
C CYS B 186 5.91 18.91 -22.97
N SER B 187 5.87 18.90 -21.64
CA SER B 187 4.84 18.21 -20.88
C SER B 187 4.67 19.02 -19.61
N CYS B 188 3.50 19.61 -19.40
CA CYS B 188 3.28 20.43 -18.22
C CYS B 188 2.50 19.75 -17.10
N GLY B 189 2.93 19.96 -15.87
CA GLY B 189 2.26 19.36 -14.73
C GLY B 189 2.39 20.26 -13.54
N ILE B 190 1.60 20.02 -12.49
CA ILE B 190 1.63 20.84 -11.27
C ILE B 190 3.06 21.19 -10.87
N ASP B 191 3.25 22.43 -10.41
CA ASP B 191 4.58 22.94 -10.05
C ASP B 191 5.27 22.29 -8.83
N TYR B 192 5.68 21.03 -8.99
CA TYR B 192 6.38 20.33 -7.91
C TYR B 192 7.79 20.88 -7.92
N TYR B 193 8.05 21.85 -8.81
CA TYR B 193 9.40 22.43 -8.96
C TYR B 193 9.75 23.64 -8.07
N THR B 194 9.15 24.80 -8.33
CA THR B 194 9.47 26.01 -7.57
C THR B 194 8.78 26.12 -6.21
N PRO B 195 9.36 26.89 -5.27
CA PRO B 195 8.77 27.07 -3.94
C PRO B 195 7.71 28.19 -3.96
N HIS B 196 7.76 29.08 -4.95
CA HIS B 196 6.81 30.21 -5.13
C HIS B 196 5.92 30.48 -3.92
N GLU B 197 5.28 31.62 -3.85
CA GLU B 197 4.45 31.84 -2.67
C GLU B 197 3.10 32.49 -2.99
N GLU B 198 2.99 33.06 -4.19
CA GLU B 198 1.77 33.74 -4.64
C GLU B 198 0.67 32.76 -5.08
N THR B 199 0.81 31.48 -4.72
CA THR B 199 -0.18 30.44 -5.03
C THR B 199 -0.10 29.31 -3.99
N ASN B 200 0.73 29.55 -2.97
CA ASN B 200 0.92 28.63 -1.86
C ASN B 200 1.36 27.27 -2.36
N ASN B 201 2.04 27.27 -3.50
CA ASN B 201 2.49 26.05 -4.12
C ASN B 201 2.65 24.84 -3.26
N GLU B 202 3.25 25.02 -2.11
CA GLU B 202 3.49 23.90 -1.20
C GLU B 202 2.25 23.34 -0.53
N SER B 203 1.22 24.16 -0.43
CA SER B 203 0.01 23.68 0.20
C SER B 203 -0.74 22.80 -0.79
N PHE B 204 -1.26 23.40 -1.86
CA PHE B 204 -2.00 22.70 -2.93
C PHE B 204 -1.39 21.37 -3.31
N VAL B 205 -0.07 21.37 -3.41
CA VAL B 205 0.66 20.16 -3.78
C VAL B 205 0.37 19.00 -2.85
N ILE B 206 0.59 19.19 -1.55
CA ILE B 206 0.31 18.10 -0.65
C ILE B 206 -1.18 17.91 -0.47
N TYR B 207 -1.96 18.95 -0.80
CA TYR B 207 -3.40 18.80 -0.75
C TYR B 207 -3.65 17.74 -1.83
N MET B 208 -3.32 18.06 -3.07
CA MET B 208 -3.50 17.17 -4.22
C MET B 208 -3.05 15.74 -3.94
N PHE B 209 -1.90 15.60 -3.29
CA PHE B 209 -1.36 14.28 -2.97
C PHE B 209 -2.17 13.52 -1.94
N VAL B 210 -2.53 14.18 -0.85
CA VAL B 210 -3.29 13.52 0.21
C VAL B 210 -4.76 13.10 -0.07
N VAL B 211 -5.51 13.91 -0.82
CA VAL B 211 -6.92 13.57 -1.15
C VAL B 211 -7.07 12.97 -2.55
N HIS B 212 -6.05 13.15 -3.38
CA HIS B 212 -6.13 12.63 -4.71
C HIS B 212 -5.04 11.60 -5.03
N PHE B 213 -4.55 10.91 -4.00
CA PHE B 213 -3.56 9.81 -4.14
C PHE B 213 -3.77 8.85 -2.98
N ILE B 214 -3.44 9.29 -1.77
CA ILE B 214 -3.64 8.52 -0.53
C ILE B 214 -5.12 8.10 -0.36
N ILE B 215 -5.95 9.02 0.07
CA ILE B 215 -7.36 8.72 0.26
C ILE B 215 -7.92 7.84 -0.86
N PRO B 216 -7.92 8.34 -2.12
CA PRO B 216 -8.44 7.62 -3.29
C PRO B 216 -8.09 6.16 -3.26
N LEU B 217 -6.87 5.89 -2.80
CA LEU B 217 -6.37 4.52 -2.68
C LEU B 217 -6.92 3.81 -1.44
N ILE B 218 -6.77 4.41 -0.24
CA ILE B 218 -7.29 3.80 0.99
C ILE B 218 -8.71 3.24 0.83
N VAL B 219 -9.46 3.77 -0.13
CA VAL B 219 -10.81 3.27 -0.38
C VAL B 219 -10.72 2.08 -1.32
N ILE B 220 -9.73 2.10 -2.23
CA ILE B 220 -9.53 1.02 -3.19
C ILE B 220 -8.92 -0.19 -2.51
N PHE B 221 -7.81 0.02 -1.81
CA PHE B 221 -7.13 -1.06 -1.09
C PHE B 221 -8.08 -1.76 -0.10
N PHE B 222 -8.80 -0.99 0.71
CA PHE B 222 -9.75 -1.56 1.68
C PHE B 222 -10.77 -2.48 0.99
N CYS B 223 -11.27 -2.06 -0.18
CA CYS B 223 -12.26 -2.82 -0.96
C CYS B 223 -11.59 -3.85 -1.85
N TYR B 224 -10.26 -3.91 -1.79
CA TYR B 224 -9.49 -4.84 -2.61
C TYR B 224 -9.52 -6.26 -2.06
N GLY B 225 -8.87 -6.44 -0.90
CA GLY B 225 -8.84 -7.73 -0.24
C GLY B 225 -10.26 -8.24 -0.22
N GLN B 226 -11.15 -7.51 0.46
CA GLN B 226 -12.57 -7.87 0.53
C GLN B 226 -13.01 -8.59 -0.73
N LEU B 227 -12.50 -8.14 -1.88
CA LEU B 227 -12.82 -8.75 -3.17
C LEU B 227 -12.13 -10.11 -3.23
N VAL B 228 -12.05 -10.75 -2.05
CA VAL B 228 -11.43 -12.07 -1.87
C VAL B 228 -12.06 -12.88 -0.70
N PHE B 229 -12.60 -12.21 0.33
CA PHE B 229 -13.27 -12.87 1.48
C PHE B 229 -14.36 -13.73 0.85
N THR B 230 -15.21 -13.08 0.05
CA THR B 230 -16.35 -13.70 -0.64
C THR B 230 -16.00 -14.67 -1.77
N VAL B 231 -14.98 -14.36 -2.57
CA VAL B 231 -14.56 -15.25 -3.64
C VAL B 231 -13.98 -16.49 -2.91
N LYS B 232 -14.60 -16.84 -1.78
CA LYS B 232 -14.22 -17.96 -0.90
C LYS B 232 -15.38 -18.45 0.03
N GLU B 233 -15.42 -18.00 1.30
CA GLU B 233 -16.45 -18.41 2.27
C GLU B 233 -17.66 -17.46 2.45
N ALA B 234 -17.43 -16.15 2.49
CA ALA B 234 -18.55 -15.22 2.64
C ALA B 234 -19.51 -15.36 1.49
N ALA B 235 -19.35 -16.43 0.72
CA ALA B 235 -20.18 -16.66 -0.45
C ALA B 235 -20.85 -18.03 -0.37
N ALA B 236 -20.27 -18.96 0.37
CA ALA B 236 -20.86 -20.30 0.50
C ALA B 236 -22.11 -20.22 1.37
N GLN B 237 -22.02 -19.42 2.43
CA GLN B 237 -23.14 -19.20 3.37
C GLN B 237 -24.15 -18.24 2.73
N GLN B 238 -23.61 -17.25 2.01
CA GLN B 238 -24.42 -16.24 1.30
C GLN B 238 -24.89 -16.78 -0.05
N GLN B 239 -25.00 -18.11 -0.14
CA GLN B 239 -25.43 -18.86 -1.33
C GLN B 239 -25.46 -18.05 -2.64
N GLU B 240 -24.46 -18.33 -3.50
CA GLU B 240 -24.34 -17.66 -4.79
C GLU B 240 -24.26 -18.68 -5.95
N SER B 241 -25.30 -18.77 -6.77
CA SER B 241 -25.32 -19.71 -7.89
C SER B 241 -24.03 -19.61 -8.70
N ALA B 242 -23.51 -20.75 -9.16
CA ALA B 242 -22.26 -20.76 -9.92
C ALA B 242 -22.40 -20.27 -11.38
N THR B 243 -23.57 -19.74 -11.76
CA THR B 243 -23.78 -19.22 -13.12
C THR B 243 -23.58 -17.70 -13.07
N THR B 244 -23.36 -17.19 -11.86
CA THR B 244 -23.13 -15.77 -11.59
C THR B 244 -21.71 -15.58 -11.06
N GLN B 245 -21.18 -16.58 -10.36
CA GLN B 245 -19.81 -16.51 -9.82
C GLN B 245 -18.79 -16.71 -10.96
N LYS B 246 -19.19 -16.31 -12.17
CA LYS B 246 -18.37 -16.43 -13.37
C LYS B 246 -18.42 -15.13 -14.19
N ALA B 247 -19.47 -14.34 -13.99
CA ALA B 247 -19.62 -13.05 -14.66
C ALA B 247 -19.30 -12.02 -13.59
N GLU B 248 -19.94 -12.19 -12.43
CA GLU B 248 -19.73 -11.33 -11.28
C GLU B 248 -18.30 -11.45 -10.83
N LYS B 249 -17.62 -12.50 -11.30
CA LYS B 249 -16.20 -12.68 -10.98
C LYS B 249 -15.39 -12.25 -12.21
N GLU B 250 -16.04 -12.28 -13.38
CA GLU B 250 -15.35 -11.86 -14.60
C GLU B 250 -15.07 -10.38 -14.46
N VAL B 251 -15.86 -9.74 -13.60
CA VAL B 251 -15.75 -8.31 -13.31
C VAL B 251 -14.86 -8.08 -12.09
N THR B 252 -14.94 -8.95 -11.09
CA THR B 252 -14.07 -8.79 -9.92
C THR B 252 -12.63 -8.92 -10.47
N ARG B 253 -12.44 -9.63 -11.58
CA ARG B 253 -11.10 -9.80 -12.18
C ARG B 253 -10.64 -8.53 -12.93
N MET B 254 -11.51 -8.05 -13.83
CA MET B 254 -11.23 -6.85 -14.61
C MET B 254 -10.92 -5.67 -13.67
N VAL B 255 -11.84 -5.37 -12.75
CA VAL B 255 -11.63 -4.25 -11.82
C VAL B 255 -10.28 -4.43 -11.18
N ILE B 256 -9.97 -5.67 -10.81
CA ILE B 256 -8.70 -6.00 -10.18
C ILE B 256 -7.48 -5.73 -11.09
N ILE B 257 -7.66 -5.84 -12.41
CA ILE B 257 -6.57 -5.59 -13.36
C ILE B 257 -6.49 -4.12 -13.77
N MET B 258 -7.56 -3.35 -13.52
CA MET B 258 -7.60 -1.90 -13.82
C MET B 258 -6.91 -1.07 -12.71
N VAL B 259 -6.80 -1.68 -11.54
CA VAL B 259 -6.17 -1.10 -10.36
C VAL B 259 -4.64 -1.33 -10.46
N ILE B 260 -4.23 -2.53 -10.84
CA ILE B 260 -2.81 -2.86 -11.04
C ILE B 260 -2.34 -2.00 -12.21
N ALA B 261 -3.11 -2.06 -13.29
CA ALA B 261 -2.81 -1.29 -14.48
C ALA B 261 -2.64 0.19 -14.14
N PHE B 262 -3.36 0.66 -13.13
CA PHE B 262 -3.25 2.07 -12.75
C PHE B 262 -1.96 2.36 -11.96
N LEU B 263 -1.51 1.39 -11.15
CA LEU B 263 -0.30 1.56 -10.35
C LEU B 263 0.98 1.37 -11.14
N ILE B 264 0.89 0.70 -12.29
CA ILE B 264 2.03 0.46 -13.18
C ILE B 264 2.34 1.74 -13.97
N CYS B 265 1.27 2.28 -14.54
CA CYS B 265 1.32 3.47 -15.36
C CYS B 265 1.60 4.79 -14.66
N TRP B 266 0.79 5.08 -13.64
CA TRP B 266 0.86 6.32 -12.88
C TRP B 266 1.88 6.43 -11.74
N LEU B 267 2.06 5.37 -10.98
CA LEU B 267 3.01 5.42 -9.88
C LEU B 267 4.36 6.05 -10.27
N PRO B 268 4.98 5.61 -11.41
CA PRO B 268 6.27 6.15 -11.85
C PRO B 268 6.35 7.67 -11.91
N TYR B 269 5.37 8.32 -12.54
CA TYR B 269 5.36 9.78 -12.65
C TYR B 269 5.46 10.37 -11.25
N ALA B 270 4.77 9.73 -10.33
CA ALA B 270 4.76 10.17 -8.94
C ALA B 270 6.13 9.94 -8.31
N GLY B 271 6.71 8.76 -8.53
CA GLY B 271 8.01 8.47 -7.96
C GLY B 271 8.98 9.62 -8.14
N VAL B 272 8.85 10.33 -9.27
CA VAL B 272 9.71 11.46 -9.54
C VAL B 272 9.06 12.76 -9.04
N ALA B 273 7.82 13.03 -9.44
CA ALA B 273 7.13 14.24 -9.00
C ALA B 273 7.39 14.44 -7.50
N PHE B 274 7.34 13.34 -6.74
CA PHE B 274 7.58 13.41 -5.30
C PHE B 274 9.05 13.69 -4.99
N TYR B 275 9.97 12.81 -5.39
CA TYR B 275 11.38 13.05 -5.10
C TYR B 275 11.74 14.49 -5.45
N ILE B 276 11.12 15.06 -6.48
CA ILE B 276 11.39 16.45 -6.88
C ILE B 276 11.10 17.43 -5.75
N PHE B 277 9.84 17.47 -5.36
CA PHE B 277 9.27 18.33 -4.29
C PHE B 277 10.16 18.44 -3.02
N THR B 278 10.30 17.31 -2.31
CA THR B 278 11.09 17.23 -1.08
C THR B 278 12.60 17.54 -1.27
N HIS B 279 13.22 16.99 -2.31
CA HIS B 279 14.64 17.22 -2.58
C HIS B 279 14.87 18.42 -3.51
N GLN B 280 13.98 19.42 -3.49
CA GLN B 280 14.16 20.60 -4.36
C GLN B 280 15.61 21.13 -4.29
N GLY B 281 16.18 21.51 -5.43
CA GLY B 281 17.53 22.04 -5.46
C GLY B 281 18.69 21.07 -5.72
N SER B 282 18.36 19.81 -5.99
CA SER B 282 19.37 18.78 -6.27
C SER B 282 19.35 18.49 -7.77
N CYS B 283 20.46 18.82 -8.43
CA CYS B 283 20.61 18.64 -9.87
C CYS B 283 20.04 17.33 -10.41
N PHE B 284 19.36 17.45 -11.54
CA PHE B 284 18.79 16.31 -12.22
C PHE B 284 18.61 16.79 -13.65
N GLY B 285 18.36 15.86 -14.57
CA GLY B 285 18.22 16.24 -15.97
C GLY B 285 16.85 16.35 -16.60
N PRO B 286 16.80 16.61 -17.90
CA PRO B 286 15.51 16.73 -18.57
C PRO B 286 14.95 15.38 -19.03
N ILE B 287 15.29 14.31 -18.31
CA ILE B 287 14.80 12.98 -18.64
C ILE B 287 14.35 12.27 -17.37
N PHE B 288 14.68 12.88 -16.23
CA PHE B 288 14.34 12.37 -14.91
C PHE B 288 12.83 12.47 -14.62
N MET B 289 12.15 13.43 -15.26
CA MET B 289 10.72 13.62 -15.08
C MET B 289 9.94 13.50 -16.39
N THR B 290 10.67 13.41 -17.52
CA THR B 290 10.03 13.31 -18.84
C THR B 290 9.50 11.94 -19.26
N ILE B 291 10.22 10.86 -18.92
CA ILE B 291 9.76 9.52 -19.27
C ILE B 291 8.47 9.23 -18.49
N PRO B 292 8.56 9.23 -17.15
CA PRO B 292 7.40 8.99 -16.29
C PRO B 292 6.18 9.74 -16.80
N ALA B 293 6.38 11.00 -17.13
CA ALA B 293 5.32 11.85 -17.63
C ALA B 293 4.77 11.30 -18.93
N PHE B 294 5.59 11.27 -19.99
CA PHE B 294 5.09 10.76 -21.28
C PHE B 294 4.66 9.32 -21.23
N PHE B 295 5.33 8.55 -20.38
CA PHE B 295 5.00 7.15 -20.24
C PHE B 295 3.63 7.06 -19.65
N ALA B 296 3.53 7.50 -18.40
CA ALA B 296 2.26 7.48 -17.67
C ALA B 296 1.13 8.14 -18.47
N LYS B 297 1.49 8.90 -19.51
CA LYS B 297 0.51 9.59 -20.33
C LYS B 297 -0.35 8.66 -21.20
N THR B 298 -0.18 7.35 -21.03
CA THR B 298 -0.96 6.39 -21.80
C THR B 298 -2.26 6.09 -21.07
N SER B 299 -2.54 6.88 -20.03
CA SER B 299 -3.72 6.78 -19.14
C SER B 299 -5.05 7.06 -19.83
N ALA B 300 -4.97 7.24 -21.16
CA ALA B 300 -6.11 7.52 -22.00
C ALA B 300 -6.09 6.64 -23.23
N VAL B 301 -5.73 5.38 -23.04
CA VAL B 301 -5.65 4.46 -24.14
C VAL B 301 -5.94 3.01 -23.74
N TYR B 302 -5.25 2.56 -22.70
CA TYR B 302 -5.35 1.18 -22.21
C TYR B 302 -6.65 0.66 -21.56
N ASN B 303 -7.46 1.52 -20.94
CA ASN B 303 -8.67 1.03 -20.29
C ASN B 303 -9.72 0.51 -21.27
N PRO B 304 -9.97 1.24 -22.35
CA PRO B 304 -10.98 0.70 -23.26
C PRO B 304 -10.52 -0.62 -23.79
N VAL B 305 -9.20 -0.85 -23.75
CA VAL B 305 -8.57 -2.13 -24.21
C VAL B 305 -8.75 -3.32 -23.23
N ILE B 306 -8.41 -3.10 -21.95
CA ILE B 306 -8.53 -4.11 -20.89
C ILE B 306 -9.96 -4.56 -20.90
N TYR B 307 -10.81 -3.61 -21.28
CA TYR B 307 -12.26 -3.73 -21.40
C TYR B 307 -12.75 -4.59 -22.57
N ILE B 308 -12.05 -4.55 -23.70
CA ILE B 308 -12.46 -5.37 -24.84
C ILE B 308 -11.77 -6.71 -24.75
N MET B 309 -10.69 -6.75 -23.98
CA MET B 309 -9.95 -7.98 -23.81
C MET B 309 -10.29 -8.72 -22.51
N MET B 310 -11.17 -8.17 -21.68
CA MET B 310 -11.53 -8.86 -20.43
C MET B 310 -13.02 -8.83 -20.10
N ASN B 311 -13.81 -8.37 -21.06
CA ASN B 311 -15.25 -8.30 -20.87
C ASN B 311 -15.95 -8.73 -22.16
N LYS B 312 -16.29 -10.01 -22.22
CA LYS B 312 -16.96 -10.59 -23.37
C LYS B 312 -18.23 -9.85 -23.78
N GLN B 313 -19.22 -9.70 -22.90
CA GLN B 313 -20.43 -8.99 -23.29
C GLN B 313 -20.07 -7.75 -24.10
N PHE B 314 -19.29 -6.84 -23.50
CA PHE B 314 -18.93 -5.63 -24.22
C PHE B 314 -18.28 -5.95 -25.55
N ARG B 315 -17.41 -6.95 -25.55
CA ARG B 315 -16.70 -7.36 -26.77
C ARG B 315 -17.57 -8.00 -27.89
N ASN B 316 -18.59 -8.79 -27.52
CA ASN B 316 -19.45 -9.44 -28.52
C ASN B 316 -20.33 -8.42 -29.19
N CYS B 317 -20.60 -7.32 -28.50
CA CYS B 317 -21.42 -6.25 -29.06
C CYS B 317 -20.56 -5.32 -29.89
N MET B 318 -19.38 -5.02 -29.37
CA MET B 318 -18.46 -4.16 -30.08
C MET B 318 -18.11 -4.73 -31.45
N VAL B 319 -18.01 -6.05 -31.55
CA VAL B 319 -17.69 -6.69 -32.83
C VAL B 319 -18.92 -6.81 -33.69
N THR B 320 -20.07 -6.56 -33.06
CA THR B 320 -21.34 -6.65 -33.76
C THR B 320 -21.60 -5.32 -34.44
N THR B 321 -21.10 -4.23 -33.86
CA THR B 321 -21.27 -2.89 -34.42
C THR B 321 -20.53 -2.73 -35.74
N LEU B 322 -19.24 -3.01 -35.68
CA LEU B 322 -18.36 -2.91 -36.82
C LEU B 322 -18.74 -3.87 -37.91
N CYS B 323 -18.79 -5.16 -37.58
CA CYS B 323 -19.14 -6.13 -38.61
C CYS B 323 -20.57 -5.96 -39.09
N CYS B 324 -21.30 -4.95 -38.60
CA CYS B 324 -22.66 -4.72 -39.12
C CYS B 324 -23.50 -5.93 -38.89
N GLY B 325 -24.78 -5.74 -38.66
CA GLY B 325 -25.52 -6.97 -38.35
C GLY B 325 -24.89 -7.57 -37.09
N LYS B 326 -24.50 -8.81 -37.14
CA LYS B 326 -23.89 -9.54 -36.05
C LYS B 326 -22.56 -10.16 -36.57
N ASN B 327 -21.82 -10.80 -35.66
CA ASN B 327 -20.47 -11.36 -36.00
C ASN B 327 -20.18 -11.48 -37.46
N PRO B 328 -20.76 -12.40 -38.09
#